data_2MQA
#
_entry.id   2MQA
#
_cell.length_a   1.000
_cell.length_b   1.000
_cell.length_c   1.000
_cell.angle_alpha   90.00
_cell.angle_beta   90.00
_cell.angle_gamma   90.00
#
_symmetry.space_group_name_H-M   'P 1'
#
_entity_poly.entity_id   1
_entity_poly.type   'polypeptide(L)'
_entity_poly.pdbx_seq_one_letter_code
;MHHHHHHSSGLVPRGSGNAFAQSLSSNLLSSGDFVQMISSTTSTDQAVSVATSVAQNVGNQLGLDANAMNSLLGAVSGYV
STLGNAISDASAYANAISSAIGNVLANSGSISESTASSAASSAASSVTTTLTSYGPAVFYAPTSSAGG
;
_entity_poly.pdbx_strand_id   A
#
# COMPACT_ATOMS: atom_id res chain seq x y z
N GLY A 17 -7.35 -8.38 10.78
CA GLY A 17 -6.17 -8.48 9.97
C GLY A 17 -5.77 -7.16 9.35
N ASN A 18 -6.74 -6.26 9.21
CA ASN A 18 -6.49 -4.94 8.63
C ASN A 18 -5.50 -4.16 9.49
N ALA A 19 -5.58 -4.35 10.80
CA ALA A 19 -4.69 -3.65 11.72
C ALA A 19 -3.23 -4.01 11.46
N PHE A 20 -2.99 -5.28 11.15
CA PHE A 20 -1.63 -5.75 10.87
C PHE A 20 -1.02 -4.98 9.71
N ALA A 21 -1.74 -4.93 8.59
CA ALA A 21 -1.26 -4.23 7.41
C ALA A 21 -1.28 -2.71 7.62
N GLN A 22 -2.27 -2.25 8.38
CA GLN A 22 -2.40 -0.81 8.66
C GLN A 22 -1.24 -0.32 9.50
N SER A 23 -0.84 -1.12 10.49
CA SER A 23 0.26 -0.75 11.37
C SER A 23 1.57 -0.64 10.59
N LEU A 24 1.84 -1.63 9.74
CA LEU A 24 3.05 -1.64 8.93
C LEU A 24 2.99 -0.57 7.85
N SER A 25 1.88 -0.50 7.14
CA SER A 25 1.70 0.48 6.07
C SER A 25 1.77 1.89 6.63
N SER A 26 1.21 2.09 7.82
CA SER A 26 1.20 3.40 8.46
C SER A 26 2.61 3.95 8.59
N ASN A 27 3.55 3.08 8.95
CA ASN A 27 4.95 3.48 9.11
C ASN A 27 5.62 3.65 7.75
N LEU A 28 5.22 2.81 6.80
CA LEU A 28 5.80 2.87 5.45
C LEU A 28 5.32 4.12 4.72
N LEU A 29 4.09 4.53 4.99
CA LEU A 29 3.52 5.71 4.35
C LEU A 29 4.15 6.99 4.90
N SER A 30 4.45 6.98 6.20
CA SER A 30 5.06 8.14 6.85
C SER A 30 6.59 8.06 6.77
N SER A 31 7.08 7.03 6.10
CA SER A 31 8.53 6.85 5.96
C SER A 31 9.20 8.13 5.48
N GLY A 32 10.31 8.49 6.12
CA GLY A 32 11.02 9.69 5.74
C GLY A 32 11.44 9.68 4.28
N ASP A 33 11.45 8.50 3.68
CA ASP A 33 11.85 8.37 2.28
C ASP A 33 10.62 8.18 1.39
N PHE A 34 9.69 7.33 1.83
CA PHE A 34 8.48 7.07 1.07
C PHE A 34 7.56 8.29 1.08
N VAL A 35 7.31 8.82 2.27
CA VAL A 35 6.44 9.99 2.43
C VAL A 35 6.92 11.14 1.55
N GLN A 36 8.23 11.23 1.38
CA GLN A 36 8.83 12.29 0.56
C GLN A 36 8.29 12.24 -0.86
N MET A 37 8.21 11.04 -1.42
CA MET A 37 7.70 10.86 -2.78
C MET A 37 6.20 11.10 -2.84
N ILE A 38 5.49 10.61 -1.83
CA ILE A 38 4.04 10.78 -1.77
C ILE A 38 3.65 12.25 -1.65
N SER A 39 4.46 13.01 -0.91
CA SER A 39 4.21 14.43 -0.71
C SER A 39 4.80 15.25 -1.84
N SER A 40 5.82 14.70 -2.51
CA SER A 40 6.48 15.38 -3.60
C SER A 40 5.56 15.46 -4.82
N THR A 41 4.76 14.42 -5.02
CA THR A 41 3.83 14.38 -6.14
C THR A 41 2.90 15.58 -6.14
N THR A 42 2.62 16.11 -4.95
CA THR A 42 1.75 17.26 -4.80
C THR A 42 0.47 17.09 -5.63
N SER A 43 -0.21 15.97 -5.42
CA SER A 43 -1.44 15.68 -6.15
C SER A 43 -2.03 14.34 -5.70
N THR A 44 -3.18 14.40 -5.03
CA THR A 44 -3.85 13.20 -4.55
C THR A 44 -4.09 12.21 -5.69
N ASP A 45 -4.36 12.75 -6.87
CA ASP A 45 -4.61 11.93 -8.05
C ASP A 45 -3.40 11.04 -8.35
N GLN A 46 -2.22 11.64 -8.38
CA GLN A 46 -1.00 10.91 -8.68
C GLN A 46 -0.60 10.03 -7.50
N ALA A 47 -1.03 10.42 -6.30
CA ALA A 47 -0.72 9.65 -5.09
C ALA A 47 -1.32 8.25 -5.16
N VAL A 48 -2.46 8.13 -5.84
CA VAL A 48 -3.13 6.85 -5.98
C VAL A 48 -2.25 5.85 -6.73
N SER A 49 -1.48 6.35 -7.69
CA SER A 49 -0.60 5.51 -8.48
C SER A 49 0.43 4.80 -7.59
N VAL A 50 0.99 5.54 -6.64
CA VAL A 50 1.97 5.00 -5.73
C VAL A 50 1.36 3.95 -4.81
N ALA A 51 0.23 4.30 -4.19
CA ALA A 51 -0.46 3.38 -3.28
C ALA A 51 -0.86 2.11 -4.01
N THR A 52 -1.28 2.24 -5.26
CA THR A 52 -1.70 1.09 -6.06
C THR A 52 -0.49 0.26 -6.49
N SER A 53 0.65 0.92 -6.64
CA SER A 53 1.87 0.25 -7.06
C SER A 53 2.40 -0.66 -5.95
N VAL A 54 2.41 -0.14 -4.72
CA VAL A 54 2.88 -0.91 -3.58
C VAL A 54 1.93 -2.05 -3.24
N ALA A 55 0.63 -1.80 -3.42
CA ALA A 55 -0.39 -2.80 -3.14
C ALA A 55 -0.28 -3.98 -4.11
N GLN A 56 0.10 -3.69 -5.34
CA GLN A 56 0.24 -4.72 -6.36
C GLN A 56 1.29 -5.76 -5.94
N ASN A 57 2.38 -5.28 -5.35
CA ASN A 57 3.45 -6.16 -4.91
C ASN A 57 2.95 -7.12 -3.83
N VAL A 58 2.19 -6.59 -2.88
CA VAL A 58 1.64 -7.41 -1.80
C VAL A 58 0.64 -8.42 -2.31
N GLY A 59 -0.26 -7.97 -3.18
CA GLY A 59 -1.27 -8.86 -3.74
C GLY A 59 -0.67 -9.88 -4.69
N ASN A 60 0.40 -9.50 -5.38
CA ASN A 60 1.06 -10.39 -6.33
C ASN A 60 1.58 -11.64 -5.62
N GLN A 61 2.08 -11.46 -4.41
CA GLN A 61 2.61 -12.56 -3.63
C GLN A 61 1.51 -13.56 -3.28
N LEU A 62 0.28 -13.07 -3.19
CA LEU A 62 -0.86 -13.91 -2.87
C LEU A 62 -1.48 -14.51 -4.13
N GLY A 63 -1.26 -13.84 -5.26
CA GLY A 63 -1.80 -14.32 -6.52
C GLY A 63 -3.09 -13.61 -6.91
N LEU A 64 -4.22 -14.23 -6.57
CA LEU A 64 -5.52 -13.66 -6.89
C LEU A 64 -5.72 -13.55 -8.40
N ASP A 65 -6.97 -13.38 -8.82
CA ASP A 65 -7.29 -13.26 -10.24
C ASP A 65 -6.86 -11.89 -10.78
N ALA A 66 -6.45 -11.87 -12.04
CA ALA A 66 -6.01 -10.63 -12.68
C ALA A 66 -7.15 -9.62 -12.75
N ASN A 67 -8.31 -10.09 -13.21
CA ASN A 67 -9.48 -9.22 -13.34
C ASN A 67 -9.98 -8.77 -11.97
N ALA A 68 -10.02 -9.70 -11.03
CA ALA A 68 -10.47 -9.40 -9.68
C ALA A 68 -9.51 -8.45 -8.97
N MET A 69 -8.22 -8.65 -9.19
CA MET A 69 -7.20 -7.81 -8.58
C MET A 69 -7.42 -6.33 -8.94
N ASN A 70 -7.83 -6.09 -10.18
CA ASN A 70 -8.08 -4.73 -10.65
C ASN A 70 -9.16 -4.06 -9.81
N SER A 71 -10.26 -4.77 -9.57
CA SER A 71 -11.36 -4.23 -8.79
C SER A 71 -10.97 -4.10 -7.32
N LEU A 72 -10.18 -5.06 -6.84
CA LEU A 72 -9.74 -5.06 -5.45
C LEU A 72 -8.82 -3.87 -5.17
N LEU A 73 -7.86 -3.66 -6.06
CA LEU A 73 -6.91 -2.56 -5.92
C LEU A 73 -7.61 -1.21 -6.11
N GLY A 74 -8.77 -1.25 -6.77
CA GLY A 74 -9.52 -0.02 -7.00
C GLY A 74 -10.20 0.49 -5.75
N ALA A 75 -10.26 -0.36 -4.73
CA ALA A 75 -10.89 0.02 -3.47
C ALA A 75 -10.19 1.23 -2.84
N VAL A 76 -8.87 1.13 -2.70
CA VAL A 76 -8.09 2.22 -2.12
C VAL A 76 -8.07 3.44 -3.04
N SER A 77 -8.02 3.18 -4.35
CA SER A 77 -7.98 4.25 -5.33
C SER A 77 -9.15 5.22 -5.12
N GLY A 78 -10.31 4.66 -4.78
CA GLY A 78 -11.49 5.48 -4.56
C GLY A 78 -11.56 6.02 -3.14
N TYR A 79 -10.98 5.29 -2.20
CA TYR A 79 -10.98 5.69 -0.80
C TYR A 79 -10.07 6.91 -0.59
N VAL A 80 -8.90 6.87 -1.21
CA VAL A 80 -7.95 7.97 -1.09
C VAL A 80 -8.52 9.27 -1.64
N SER A 81 -9.29 9.16 -2.72
CA SER A 81 -9.90 10.33 -3.35
C SER A 81 -10.65 11.16 -2.33
N THR A 82 -11.24 10.49 -1.34
CA THR A 82 -12.00 11.17 -0.30
C THR A 82 -11.08 11.83 0.72
N LEU A 83 -9.91 11.22 0.93
CA LEU A 83 -8.94 11.76 1.88
C LEU A 83 -7.67 12.20 1.16
N GLY A 84 -7.85 12.94 0.06
CA GLY A 84 -6.70 13.42 -0.70
C GLY A 84 -6.19 14.75 -0.20
N ASN A 85 -7.06 15.50 0.46
CA ASN A 85 -6.70 16.81 0.99
C ASN A 85 -5.79 16.67 2.22
N ALA A 86 -5.92 15.54 2.91
CA ALA A 86 -5.11 15.28 4.10
C ALA A 86 -4.43 13.92 4.00
N ILE A 87 -3.37 13.85 3.20
CA ILE A 87 -2.62 12.61 3.03
C ILE A 87 -1.41 12.56 3.97
N SER A 88 -1.06 13.70 4.53
CA SER A 88 0.08 13.80 5.44
C SER A 88 -0.04 12.77 6.57
N ASP A 89 -1.28 12.39 6.88
CA ASP A 89 -1.54 11.42 7.94
C ASP A 89 -1.33 9.99 7.42
N ALA A 90 -0.21 9.39 7.82
CA ALA A 90 0.11 8.03 7.41
C ALA A 90 -0.97 7.05 7.84
N SER A 91 -1.50 7.27 9.04
CA SER A 91 -2.55 6.40 9.57
C SER A 91 -3.82 6.48 8.73
N ALA A 92 -4.18 7.70 8.35
CA ALA A 92 -5.37 7.92 7.52
C ALA A 92 -5.15 7.42 6.10
N TYR A 93 -4.03 7.81 5.52
CA TYR A 93 -3.69 7.41 4.15
C TYR A 93 -3.53 5.90 4.05
N ALA A 94 -2.74 5.34 4.96
CA ALA A 94 -2.50 3.90 4.97
C ALA A 94 -3.76 3.13 5.35
N ASN A 95 -4.65 3.79 6.09
CA ASN A 95 -5.90 3.16 6.51
C ASN A 95 -6.67 2.62 5.32
N ALA A 96 -6.75 3.43 4.26
CA ALA A 96 -7.46 3.03 3.05
C ALA A 96 -6.70 1.93 2.31
N ILE A 97 -5.41 2.14 2.13
CA ILE A 97 -4.58 1.16 1.43
C ILE A 97 -4.63 -0.20 2.11
N SER A 98 -4.44 -0.21 3.43
CA SER A 98 -4.48 -1.45 4.20
C SER A 98 -5.88 -2.04 4.21
N SER A 99 -6.88 -1.17 4.25
CA SER A 99 -8.28 -1.61 4.27
C SER A 99 -8.66 -2.25 2.95
N ALA A 100 -8.11 -1.72 1.86
CA ALA A 100 -8.39 -2.25 0.53
C ALA A 100 -7.82 -3.64 0.34
N ILE A 101 -6.51 -3.77 0.53
CA ILE A 101 -5.83 -5.05 0.39
C ILE A 101 -6.23 -6.00 1.51
N GLY A 102 -6.37 -5.46 2.72
CA GLY A 102 -6.75 -6.27 3.86
C GLY A 102 -8.09 -6.97 3.66
N ASN A 103 -8.97 -6.34 2.90
CA ASN A 103 -10.29 -6.90 2.64
C ASN A 103 -10.18 -8.22 1.88
N VAL A 104 -9.43 -8.20 0.79
CA VAL A 104 -9.24 -9.40 -0.02
C VAL A 104 -8.36 -10.42 0.69
N LEU A 105 -7.37 -9.92 1.41
CA LEU A 105 -6.45 -10.78 2.15
C LEU A 105 -7.17 -11.50 3.29
N ALA A 106 -8.04 -10.77 3.99
CA ALA A 106 -8.79 -11.35 5.10
C ALA A 106 -9.74 -12.44 4.61
N ASN A 107 -10.31 -12.24 3.42
CA ASN A 107 -11.23 -13.21 2.84
C ASN A 107 -10.54 -14.55 2.60
N SER A 108 -9.22 -14.50 2.42
CA SER A 108 -8.44 -15.72 2.18
C SER A 108 -8.18 -16.46 3.50
N GLY A 109 -8.44 -15.78 4.61
CA GLY A 109 -8.22 -16.41 5.91
C GLY A 109 -7.09 -15.75 6.69
N SER A 110 -5.97 -16.45 6.78
CA SER A 110 -4.81 -15.93 7.50
C SER A 110 -3.70 -15.52 6.53
N ILE A 111 -3.20 -14.30 6.70
CA ILE A 111 -2.14 -13.79 5.84
C ILE A 111 -0.97 -14.75 5.78
N SER A 112 -0.43 -14.95 4.58
CA SER A 112 0.70 -15.85 4.39
C SER A 112 0.32 -17.28 4.75
N GLU A 113 1.23 -18.21 4.49
CA GLU A 113 0.99 -19.62 4.79
C GLU A 113 0.54 -19.80 6.23
N SER A 114 1.22 -19.12 7.14
CA SER A 114 0.90 -19.20 8.57
C SER A 114 1.81 -18.31 9.39
N THR A 115 1.83 -17.02 9.06
CA THR A 115 2.66 -16.06 9.77
C THR A 115 2.45 -14.65 9.22
N ALA A 116 2.10 -13.73 10.12
CA ALA A 116 1.87 -12.33 9.74
C ALA A 116 3.15 -11.51 9.89
N SER A 117 4.27 -12.06 9.43
CA SER A 117 5.55 -11.37 9.52
C SER A 117 6.32 -11.48 8.20
N SER A 118 6.37 -12.69 7.65
CA SER A 118 7.08 -12.92 6.40
C SER A 118 6.42 -12.15 5.26
N ALA A 119 5.10 -12.24 5.17
CA ALA A 119 4.35 -11.56 4.13
C ALA A 119 4.57 -10.05 4.19
N ALA A 120 4.42 -9.48 5.39
CA ALA A 120 4.62 -8.05 5.59
C ALA A 120 6.06 -7.65 5.34
N SER A 121 6.99 -8.45 5.84
CA SER A 121 8.42 -8.18 5.67
C SER A 121 8.80 -8.17 4.19
N SER A 122 8.28 -9.13 3.44
CA SER A 122 8.57 -9.23 2.02
C SER A 122 7.86 -8.13 1.24
N ALA A 123 6.57 -7.96 1.51
CA ALA A 123 5.77 -6.93 0.85
C ALA A 123 6.35 -5.54 1.10
N ALA A 124 6.68 -5.26 2.35
CA ALA A 124 7.24 -3.96 2.73
C ALA A 124 8.66 -3.81 2.19
N SER A 125 9.38 -4.93 2.07
CA SER A 125 10.75 -4.91 1.58
C SER A 125 10.79 -4.50 0.11
N SER A 126 9.79 -4.94 -0.65
CA SER A 126 9.72 -4.62 -2.07
C SER A 126 9.68 -3.10 -2.28
N VAL A 127 8.86 -2.42 -1.49
CA VAL A 127 8.73 -0.98 -1.58
C VAL A 127 10.00 -0.27 -1.12
N THR A 128 10.56 -0.76 -0.01
CA THR A 128 11.78 -0.18 0.54
C THR A 128 12.87 -0.07 -0.51
N THR A 129 13.13 -1.17 -1.21
CA THR A 129 14.15 -1.20 -2.24
C THR A 129 13.71 -0.41 -3.47
N THR A 130 12.44 -0.56 -3.84
CA THR A 130 11.90 0.13 -5.01
C THR A 130 11.63 1.60 -4.68
N LEU A 131 12.68 2.32 -4.32
CA LEU A 131 12.55 3.74 -3.98
C LEU A 131 13.92 4.35 -3.67
N THR A 132 14.73 3.61 -2.92
CA THR A 132 16.06 4.08 -2.56
C THR A 132 17.14 3.30 -3.29
N SER A 133 16.91 2.00 -3.46
CA SER A 133 17.86 1.13 -4.13
C SER A 133 17.94 1.46 -5.62
N TYR A 134 16.77 1.67 -6.24
CA TYR A 134 16.70 1.99 -7.65
C TYR A 134 16.48 3.49 -7.86
N GLY A 135 15.93 4.15 -6.85
CA GLY A 135 15.68 5.57 -6.93
C GLY A 135 14.20 5.91 -6.87
N PRO A 136 13.88 7.16 -6.51
CA PRO A 136 12.50 7.63 -6.40
C PRO A 136 11.82 7.74 -7.76
N ALA A 137 12.48 8.40 -8.71
CA ALA A 137 11.94 8.57 -10.04
C ALA A 137 11.57 7.23 -10.66
N VAL A 138 12.27 6.17 -10.25
CA VAL A 138 12.02 4.84 -10.76
C VAL A 138 10.59 4.40 -10.48
N PHE A 139 9.99 4.97 -9.44
CA PHE A 139 8.62 4.64 -9.07
C PHE A 139 7.65 5.07 -10.17
N TYR A 140 7.83 6.28 -10.69
CA TYR A 140 6.96 6.80 -11.73
C TYR A 140 6.87 5.82 -12.90
N ALA A 141 7.98 5.16 -13.21
CA ALA A 141 8.02 4.20 -14.30
C ALA A 141 7.75 4.86 -15.64
N GLY A 17 -5.79 -9.49 10.82
CA GLY A 17 -5.10 -9.27 9.57
C GLY A 17 -5.05 -7.81 9.18
N ASN A 18 -6.07 -7.06 9.58
CA ASN A 18 -6.13 -5.63 9.27
C ASN A 18 -5.03 -4.87 9.97
N ALA A 19 -4.87 -5.11 11.26
CA ALA A 19 -3.84 -4.45 12.05
C ALA A 19 -2.44 -4.76 11.51
N PHE A 20 -2.30 -5.93 10.90
CA PHE A 20 -1.03 -6.34 10.34
C PHE A 20 -0.61 -5.44 9.18
N ALA A 21 -1.51 -5.27 8.22
CA ALA A 21 -1.26 -4.43 7.06
C ALA A 21 -1.25 -2.95 7.45
N GLN A 22 -2.10 -2.59 8.40
CA GLN A 22 -2.19 -1.21 8.86
C GLN A 22 -0.92 -0.79 9.58
N SER A 23 -0.39 -1.68 10.41
CA SER A 23 0.82 -1.41 11.16
C SER A 23 2.01 -1.20 10.23
N LEU A 24 2.15 -2.09 9.25
CA LEU A 24 3.24 -2.00 8.29
C LEU A 24 3.05 -0.81 7.34
N SER A 25 1.83 -0.70 6.80
CA SER A 25 1.52 0.38 5.87
C SER A 25 1.65 1.74 6.56
N SER A 26 1.27 1.79 7.83
CA SER A 26 1.35 3.03 8.60
C SER A 26 2.77 3.59 8.59
N ASN A 27 3.73 2.74 8.94
CA ASN A 27 5.13 3.15 8.98
C ASN A 27 5.71 3.21 7.57
N LEU A 28 5.27 2.29 6.71
CA LEU A 28 5.75 2.24 5.34
C LEU A 28 5.39 3.52 4.59
N LEU A 29 4.17 4.00 4.80
CA LEU A 29 3.70 5.21 4.14
C LEU A 29 4.36 6.45 4.74
N SER A 30 4.59 6.42 6.05
CA SER A 30 5.22 7.54 6.75
C SER A 30 6.74 7.41 6.70
N SER A 31 7.22 6.40 5.99
CA SER A 31 8.66 6.17 5.87
C SER A 31 9.39 7.45 5.49
N GLY A 32 10.60 7.61 6.00
CA GLY A 32 11.38 8.80 5.70
C GLY A 32 11.56 9.02 4.21
N ASP A 33 11.43 7.94 3.44
CA ASP A 33 11.58 8.02 1.99
C ASP A 33 10.22 8.11 1.31
N PHE A 34 9.23 7.43 1.88
CA PHE A 34 7.88 7.43 1.32
C PHE A 34 7.23 8.79 1.49
N VAL A 35 7.37 9.37 2.68
CA VAL A 35 6.80 10.68 2.97
C VAL A 35 7.26 11.72 1.95
N GLN A 36 8.50 11.60 1.51
CA GLN A 36 9.06 12.54 0.54
C GLN A 36 8.29 12.47 -0.78
N MET A 37 7.88 11.27 -1.16
CA MET A 37 7.12 11.08 -2.39
C MET A 37 5.72 11.65 -2.28
N ILE A 38 5.06 11.38 -1.15
CA ILE A 38 3.71 11.88 -0.92
C ILE A 38 3.69 13.40 -0.89
N SER A 39 4.78 14.00 -0.43
CA SER A 39 4.88 15.45 -0.35
C SER A 39 5.29 16.04 -1.70
N SER A 40 5.98 15.25 -2.50
CA SER A 40 6.43 15.69 -3.82
C SER A 40 5.34 15.49 -4.86
N THR A 41 4.19 15.00 -4.42
CA THR A 41 3.06 14.76 -5.31
C THR A 41 2.57 16.06 -5.94
N THR A 42 2.97 16.30 -7.19
CA THR A 42 2.56 17.50 -7.90
C THR A 42 1.04 17.64 -7.94
N SER A 43 0.35 16.51 -7.82
CA SER A 43 -1.11 16.50 -7.85
C SER A 43 -1.65 15.29 -7.10
N THR A 44 -2.93 15.36 -6.72
CA THR A 44 -3.58 14.28 -6.00
C THR A 44 -3.44 12.97 -6.76
N ASP A 45 -3.45 13.04 -8.09
CA ASP A 45 -3.33 11.86 -8.91
C ASP A 45 -2.00 11.16 -8.68
N GLN A 46 -0.95 11.94 -8.47
CA GLN A 46 0.39 11.40 -8.22
C GLN A 46 0.40 10.54 -6.97
N ALA A 47 -0.22 11.05 -5.91
CA ALA A 47 -0.28 10.34 -4.63
C ALA A 47 -1.00 9.00 -4.79
N VAL A 48 -1.99 8.96 -5.69
CA VAL A 48 -2.75 7.75 -5.94
C VAL A 48 -1.88 6.66 -6.56
N SER A 49 -1.01 7.07 -7.48
CA SER A 49 -0.12 6.13 -8.16
C SER A 49 0.79 5.42 -7.15
N VAL A 50 1.30 6.19 -6.19
CA VAL A 50 2.18 5.64 -5.17
C VAL A 50 1.44 4.61 -4.30
N ALA A 51 0.28 5.01 -3.79
CA ALA A 51 -0.52 4.13 -2.95
C ALA A 51 -0.99 2.91 -3.72
N THR A 52 -1.36 3.11 -4.99
CA THR A 52 -1.84 2.03 -5.83
C THR A 52 -0.69 1.11 -6.25
N SER A 53 0.51 1.68 -6.34
CA SER A 53 1.69 0.91 -6.72
C SER A 53 2.10 -0.05 -5.61
N VAL A 54 2.12 0.47 -4.38
CA VAL A 54 2.50 -0.34 -3.23
C VAL A 54 1.45 -1.40 -2.93
N ALA A 55 0.18 -1.04 -3.13
CA ALA A 55 -0.91 -1.96 -2.88
C ALA A 55 -0.88 -3.13 -3.84
N GLN A 56 -0.44 -2.88 -5.08
CA GLN A 56 -0.35 -3.91 -6.09
C GLN A 56 0.70 -4.96 -5.72
N ASN A 57 1.84 -4.49 -5.24
CA ASN A 57 2.94 -5.37 -4.85
C ASN A 57 2.52 -6.28 -3.70
N VAL A 58 1.92 -5.69 -2.66
CA VAL A 58 1.48 -6.45 -1.50
C VAL A 58 0.33 -7.38 -1.87
N GLY A 59 -0.55 -6.91 -2.76
CA GLY A 59 -1.68 -7.72 -3.18
C GLY A 59 -1.26 -8.91 -4.03
N ASN A 60 -0.35 -8.68 -4.96
CA ASN A 60 0.13 -9.75 -5.84
C ASN A 60 0.79 -10.86 -5.03
N GLN A 61 1.48 -10.48 -3.96
CA GLN A 61 2.15 -11.45 -3.11
C GLN A 61 1.15 -12.42 -2.48
N LEU A 62 -0.11 -11.97 -2.39
CA LEU A 62 -1.16 -12.79 -1.81
C LEU A 62 -1.53 -13.95 -2.73
N GLY A 63 -1.26 -13.78 -4.02
CA GLY A 63 -1.55 -14.81 -4.98
C GLY A 63 -2.98 -15.32 -4.88
N LEU A 64 -3.91 -14.66 -5.56
CA LEU A 64 -5.31 -15.05 -5.53
C LEU A 64 -5.87 -15.18 -6.94
N ASP A 65 -6.11 -14.03 -7.57
CA ASP A 65 -6.65 -14.01 -8.93
C ASP A 65 -6.26 -12.71 -9.65
N ALA A 66 -5.95 -12.83 -10.93
CA ALA A 66 -5.56 -11.67 -11.73
C ALA A 66 -6.71 -10.68 -11.85
N ASN A 67 -7.89 -11.19 -12.18
CA ASN A 67 -9.07 -10.35 -12.33
C ASN A 67 -9.53 -9.80 -10.99
N ALA A 68 -9.53 -10.66 -9.97
CA ALA A 68 -9.94 -10.25 -8.63
C ALA A 68 -8.98 -9.22 -8.05
N MET A 69 -7.70 -9.56 -7.99
CA MET A 69 -6.68 -8.67 -7.47
C MET A 69 -6.68 -7.35 -8.22
N ASN A 70 -6.83 -7.43 -9.54
CA ASN A 70 -6.85 -6.23 -10.38
C ASN A 70 -7.98 -5.29 -9.97
N SER A 71 -9.17 -5.86 -9.79
CA SER A 71 -10.34 -5.07 -9.41
C SER A 71 -10.21 -4.56 -7.97
N LEU A 72 -9.69 -5.42 -7.10
CA LEU A 72 -9.51 -5.07 -5.70
C LEU A 72 -8.49 -3.94 -5.55
N LEU A 73 -7.40 -4.03 -6.30
CA LEU A 73 -6.35 -3.02 -6.25
C LEU A 73 -6.92 -1.64 -6.57
N GLY A 74 -8.05 -1.61 -7.28
CA GLY A 74 -8.66 -0.36 -7.63
C GLY A 74 -9.39 0.29 -6.46
N ALA A 75 -9.41 -0.40 -5.33
CA ALA A 75 -10.05 0.12 -4.14
C ALA A 75 -9.36 1.37 -3.61
N VAL A 76 -8.04 1.27 -3.43
CA VAL A 76 -7.26 2.39 -2.94
C VAL A 76 -7.20 3.52 -3.98
N SER A 77 -7.12 3.13 -5.25
CA SER A 77 -7.05 4.10 -6.34
C SER A 77 -8.21 5.09 -6.26
N GLY A 78 -9.39 4.59 -5.88
CA GLY A 78 -10.56 5.44 -5.78
C GLY A 78 -10.73 6.01 -4.39
N TYR A 79 -10.34 5.25 -3.38
CA TYR A 79 -10.45 5.69 -1.99
C TYR A 79 -9.71 7.01 -1.77
N VAL A 80 -8.45 7.05 -2.20
CA VAL A 80 -7.64 8.25 -2.06
C VAL A 80 -8.28 9.44 -2.76
N SER A 81 -8.91 9.17 -3.90
CA SER A 81 -9.56 10.22 -4.68
C SER A 81 -10.62 10.93 -3.85
N THR A 82 -11.26 10.19 -2.96
CA THR A 82 -12.30 10.75 -2.10
C THR A 82 -11.70 11.46 -0.89
N LEU A 83 -10.50 11.03 -0.51
CA LEU A 83 -9.80 11.62 0.63
C LEU A 83 -9.58 13.11 0.42
N GLY A 84 -8.88 13.75 1.36
CA GLY A 84 -8.61 15.16 1.25
C GLY A 84 -7.13 15.48 1.30
N ASN A 85 -6.80 16.69 1.75
CA ASN A 85 -5.41 17.12 1.85
C ASN A 85 -4.71 16.43 3.01
N ALA A 86 -5.50 15.79 3.87
CA ALA A 86 -4.96 15.09 5.03
C ALA A 86 -4.33 13.76 4.62
N ILE A 87 -3.34 13.82 3.73
CA ILE A 87 -2.66 12.62 3.26
C ILE A 87 -1.37 12.38 4.04
N SER A 88 -0.88 13.42 4.69
CA SER A 88 0.35 13.32 5.48
C SER A 88 0.18 12.34 6.63
N ASP A 89 -1.07 12.02 6.95
CA ASP A 89 -1.37 11.10 8.03
C ASP A 89 -1.20 9.65 7.58
N ALA A 90 -0.10 9.03 8.00
CA ALA A 90 0.18 7.65 7.63
C ALA A 90 -0.86 6.70 8.23
N SER A 91 -1.28 6.99 9.45
CA SER A 91 -2.26 6.16 10.14
C SER A 91 -3.58 6.13 9.36
N ALA A 92 -4.07 7.31 9.01
CA ALA A 92 -5.33 7.42 8.27
C ALA A 92 -5.15 6.95 6.82
N TYR A 93 -4.09 7.42 6.18
CA TYR A 93 -3.81 7.05 4.80
C TYR A 93 -3.66 5.53 4.65
N ALA A 94 -2.85 4.95 5.53
CA ALA A 94 -2.62 3.50 5.50
C ALA A 94 -3.88 2.74 5.93
N ASN A 95 -4.65 3.34 6.83
CA ASN A 95 -5.87 2.72 7.32
C ASN A 95 -6.86 2.51 6.18
N ALA A 96 -6.89 3.45 5.23
CA ALA A 96 -7.79 3.36 4.09
C ALA A 96 -7.38 2.24 3.15
N ILE A 97 -6.11 2.27 2.72
CA ILE A 97 -5.60 1.25 1.81
C ILE A 97 -5.57 -0.12 2.48
N SER A 98 -5.33 -0.12 3.79
CA SER A 98 -5.27 -1.36 4.55
C SER A 98 -6.64 -2.04 4.60
N SER A 99 -7.69 -1.23 4.67
CA SER A 99 -9.05 -1.74 4.72
C SER A 99 -9.48 -2.31 3.38
N ALA A 100 -9.00 -1.69 2.30
CA ALA A 100 -9.32 -2.13 0.95
C ALA A 100 -8.67 -3.48 0.64
N ILE A 101 -7.35 -3.51 0.71
CA ILE A 101 -6.59 -4.73 0.44
C ILE A 101 -6.78 -5.74 1.57
N GLY A 102 -6.82 -5.25 2.80
CA GLY A 102 -6.99 -6.13 3.94
C GLY A 102 -8.34 -6.81 3.96
N ASN A 103 -9.34 -6.16 3.37
CA ASN A 103 -10.68 -6.71 3.32
C ASN A 103 -10.69 -8.07 2.63
N VAL A 104 -10.08 -8.13 1.45
CA VAL A 104 -10.02 -9.37 0.69
C VAL A 104 -9.08 -10.38 1.36
N LEU A 105 -8.01 -9.87 1.96
CA LEU A 105 -7.03 -10.72 2.63
C LEU A 105 -7.70 -11.57 3.71
N ALA A 106 -8.55 -10.93 4.50
CA ALA A 106 -9.26 -11.62 5.56
C ALA A 106 -10.24 -12.66 5.00
N ASN A 107 -10.85 -12.32 3.87
CA ASN A 107 -11.81 -13.21 3.23
C ASN A 107 -11.15 -14.52 2.82
N SER A 108 -9.84 -14.47 2.61
CA SER A 108 -9.08 -15.65 2.20
C SER A 108 -8.61 -16.43 3.43
N GLY A 109 -9.08 -16.02 4.61
CA GLY A 109 -8.70 -16.69 5.83
C GLY A 109 -7.46 -16.09 6.47
N SER A 110 -6.30 -16.37 5.89
CA SER A 110 -5.04 -15.85 6.40
C SER A 110 -4.17 -15.29 5.28
N ILE A 111 -3.41 -14.25 5.59
CA ILE A 111 -2.53 -13.63 4.60
C ILE A 111 -1.56 -14.64 4.02
N SER A 112 -1.30 -15.70 4.76
CA SER A 112 -0.38 -16.74 4.31
C SER A 112 -0.81 -18.11 4.83
N GLU A 113 -0.59 -18.35 6.12
CA GLU A 113 -0.96 -19.61 6.75
C GLU A 113 -0.64 -19.60 8.24
N SER A 114 0.65 -19.71 8.57
CA SER A 114 1.08 -19.72 9.95
C SER A 114 1.90 -18.47 10.26
N THR A 115 1.67 -17.40 9.51
CA THR A 115 2.38 -16.15 9.70
C THR A 115 1.67 -15.00 8.99
N ALA A 116 2.32 -13.84 8.97
CA ALA A 116 1.76 -12.66 8.32
C ALA A 116 2.85 -11.71 7.87
N SER A 117 3.86 -11.53 8.71
CA SER A 117 4.97 -10.64 8.40
C SER A 117 5.69 -11.08 7.14
N SER A 118 5.50 -12.34 6.77
CA SER A 118 6.13 -12.90 5.58
C SER A 118 5.68 -12.15 4.33
N ALA A 119 4.40 -11.80 4.29
CA ALA A 119 3.84 -11.08 3.15
C ALA A 119 4.23 -9.61 3.19
N ALA A 120 4.20 -9.01 4.37
CA ALA A 120 4.56 -7.61 4.54
C ALA A 120 6.04 -7.38 4.23
N SER A 121 6.87 -8.33 4.65
CA SER A 121 8.31 -8.23 4.43
C SER A 121 8.63 -8.20 2.94
N SER A 122 7.88 -8.97 2.17
CA SER A 122 8.08 -9.04 0.72
C SER A 122 7.62 -7.75 0.05
N ALA A 123 6.36 -7.38 0.29
CA ALA A 123 5.80 -6.17 -0.29
C ALA A 123 6.59 -4.94 0.13
N ALA A 124 6.98 -4.90 1.40
CA ALA A 124 7.74 -3.78 1.94
C ALA A 124 9.17 -3.77 1.38
N SER A 125 9.69 -4.96 1.09
CA SER A 125 11.04 -5.09 0.56
C SER A 125 11.13 -4.52 -0.86
N SER A 126 10.06 -4.70 -1.63
CA SER A 126 10.03 -4.20 -3.00
C SER A 126 9.96 -2.67 -3.02
N VAL A 127 9.08 -2.10 -2.20
CA VAL A 127 8.91 -0.66 -2.13
C VAL A 127 10.16 0.00 -1.57
N THR A 128 10.72 -0.59 -0.51
CA THR A 128 11.93 -0.05 0.12
C THR A 128 13.04 0.14 -0.90
N THR A 129 13.32 -0.90 -1.69
CA THR A 129 14.36 -0.85 -2.70
C THR A 129 13.99 0.12 -3.81
N THR A 130 12.75 0.02 -4.29
CA THR A 130 12.27 0.88 -5.37
C THR A 130 11.94 2.28 -4.84
N LEU A 131 12.94 2.93 -4.27
CA LEU A 131 12.77 4.28 -3.72
C LEU A 131 14.10 4.88 -3.32
N THR A 132 14.92 4.10 -2.63
CA THR A 132 16.23 4.55 -2.18
C THR A 132 17.35 3.89 -2.98
N SER A 133 17.16 2.62 -3.32
CA SER A 133 18.15 1.88 -4.08
C SER A 133 18.18 2.33 -5.53
N TYR A 134 17.01 2.34 -6.16
CA TYR A 134 16.89 2.76 -7.56
C TYR A 134 16.32 4.17 -7.66
N GLY A 135 15.61 4.59 -6.62
CA GLY A 135 15.03 5.92 -6.61
C GLY A 135 13.52 5.88 -6.46
N PRO A 136 12.94 7.01 -6.01
CA PRO A 136 11.50 7.12 -5.79
C PRO A 136 10.72 7.14 -7.12
N ALA A 137 11.16 7.98 -8.04
CA ALA A 137 10.51 8.09 -9.34
C ALA A 137 10.48 6.74 -10.05
N VAL A 138 11.36 5.84 -9.64
CA VAL A 138 11.42 4.51 -10.24
C VAL A 138 10.10 3.78 -10.12
N PHE A 139 9.28 4.19 -9.14
CA PHE A 139 7.98 3.58 -8.93
C PHE A 139 7.00 3.98 -10.02
N TYR A 140 7.15 5.21 -10.52
CA TYR A 140 6.27 5.72 -11.56
C TYR A 140 6.26 4.79 -12.77
N ALA A 141 7.36 4.05 -12.95
CA ALA A 141 7.48 3.12 -14.06
C ALA A 141 7.47 3.86 -15.40
N GLY A 17 -6.85 -8.45 11.03
CA GLY A 17 -5.98 -8.44 9.88
C GLY A 17 -5.81 -7.05 9.29
N ASN A 18 -6.81 -6.20 9.50
CA ASN A 18 -6.79 -4.83 8.98
C ASN A 18 -5.65 -4.04 9.61
N ALA A 19 -5.36 -4.33 10.87
CA ALA A 19 -4.29 -3.64 11.58
C ALA A 19 -2.93 -4.05 11.05
N PHE A 20 -2.83 -5.27 10.53
CA PHE A 20 -1.59 -5.79 9.98
C PHE A 20 -1.15 -4.99 8.75
N ALA A 21 -2.07 -4.85 7.80
CA ALA A 21 -1.79 -4.11 6.58
C ALA A 21 -1.71 -2.61 6.85
N GLN A 22 -2.54 -2.13 7.76
CA GLN A 22 -2.56 -0.71 8.11
C GLN A 22 -1.27 -0.31 8.83
N SER A 23 -0.85 -1.15 9.78
CA SER A 23 0.37 -0.88 10.54
C SER A 23 1.58 -0.88 9.63
N LEU A 24 1.66 -1.88 8.75
CA LEU A 24 2.79 -2.00 7.83
C LEU A 24 2.74 -0.90 6.77
N SER A 25 1.56 -0.72 6.17
CA SER A 25 1.39 0.31 5.13
C SER A 25 1.67 1.69 5.69
N SER A 26 1.07 2.00 6.84
CA SER A 26 1.25 3.30 7.48
C SER A 26 2.73 3.58 7.72
N ASN A 27 3.42 2.63 8.34
CA ASN A 27 4.84 2.76 8.63
C ASN A 27 5.61 3.14 7.38
N LEU A 28 5.35 2.42 6.28
CA LEU A 28 6.02 2.68 5.02
C LEU A 28 5.55 3.99 4.40
N LEU A 29 4.28 4.33 4.62
CA LEU A 29 3.70 5.55 4.09
C LEU A 29 4.26 6.78 4.83
N SER A 30 4.70 6.57 6.06
CA SER A 30 5.25 7.65 6.87
C SER A 30 6.78 7.65 6.81
N SER A 31 7.33 6.78 5.97
CA SER A 31 8.77 6.67 5.82
C SER A 31 9.40 8.05 5.64
N GLY A 32 10.47 8.32 6.39
CA GLY A 32 11.15 9.60 6.29
C GLY A 32 11.59 9.91 4.88
N ASP A 33 11.69 8.88 4.05
CA ASP A 33 12.11 9.05 2.66
C ASP A 33 10.91 9.00 1.72
N PHE A 34 9.98 8.11 2.01
CA PHE A 34 8.78 7.97 1.19
C PHE A 34 7.87 9.18 1.31
N VAL A 35 7.75 9.69 2.54
CA VAL A 35 6.91 10.86 2.80
C VAL A 35 7.29 12.02 1.88
N GLN A 36 8.59 12.15 1.61
CA GLN A 36 9.07 13.22 0.75
C GLN A 36 8.44 13.14 -0.64
N MET A 37 8.25 11.92 -1.13
CA MET A 37 7.65 11.71 -2.44
C MET A 37 6.17 12.05 -2.42
N ILE A 38 5.44 11.45 -1.49
CA ILE A 38 4.01 11.68 -1.36
C ILE A 38 3.72 13.16 -1.07
N SER A 39 4.66 13.82 -0.41
CA SER A 39 4.50 15.23 -0.08
C SER A 39 4.69 16.11 -1.30
N SER A 40 5.57 15.67 -2.20
CA SER A 40 5.85 16.42 -3.42
C SER A 40 5.03 15.87 -4.59
N THR A 41 4.21 14.87 -4.31
CA THR A 41 3.38 14.26 -5.34
C THR A 41 2.34 15.24 -5.86
N THR A 42 2.26 15.37 -7.18
CA THR A 42 1.30 16.27 -7.81
C THR A 42 0.01 15.55 -8.17
N SER A 43 -1.12 16.13 -7.80
CA SER A 43 -2.42 15.54 -8.09
C SER A 43 -2.61 14.24 -7.30
N THR A 44 -3.73 14.14 -6.60
CA THR A 44 -4.03 12.95 -5.81
C THR A 44 -3.96 11.70 -6.67
N ASP A 45 -4.26 11.84 -7.95
CA ASP A 45 -4.23 10.71 -8.87
C ASP A 45 -2.87 10.02 -8.84
N GLN A 46 -1.81 10.82 -8.93
CA GLN A 46 -0.45 10.29 -8.92
C GLN A 46 -0.07 9.81 -7.52
N ALA A 47 -0.63 10.45 -6.50
CA ALA A 47 -0.35 10.08 -5.12
C ALA A 47 -0.88 8.68 -4.80
N VAL A 48 -2.10 8.40 -5.26
CA VAL A 48 -2.71 7.09 -5.03
C VAL A 48 -2.09 6.03 -5.92
N SER A 49 -1.70 6.42 -7.13
CA SER A 49 -1.10 5.50 -8.08
C SER A 49 0.19 4.90 -7.51
N VAL A 50 1.05 5.75 -6.99
CA VAL A 50 2.31 5.31 -6.41
C VAL A 50 2.08 4.52 -5.13
N ALA A 51 1.12 4.96 -4.33
CA ALA A 51 0.80 4.29 -3.08
C ALA A 51 0.25 2.89 -3.33
N THR A 52 -0.67 2.78 -4.28
CA THR A 52 -1.28 1.50 -4.61
C THR A 52 -0.29 0.59 -5.33
N SER A 53 0.68 1.20 -6.00
CA SER A 53 1.70 0.45 -6.73
C SER A 53 2.42 -0.54 -5.82
N VAL A 54 2.55 -0.16 -4.54
CA VAL A 54 3.22 -1.00 -3.56
C VAL A 54 2.48 -2.33 -3.40
N ALA A 55 1.16 -2.29 -3.53
CA ALA A 55 0.35 -3.49 -3.39
C ALA A 55 0.63 -4.48 -4.52
N GLN A 56 0.91 -3.95 -5.70
CA GLN A 56 1.21 -4.79 -6.86
C GLN A 56 2.52 -5.53 -6.68
N ASN A 57 3.53 -4.83 -6.20
CA ASN A 57 4.84 -5.42 -5.97
C ASN A 57 4.78 -6.53 -4.93
N VAL A 58 4.13 -6.23 -3.80
CA VAL A 58 3.99 -7.20 -2.72
C VAL A 58 3.10 -8.36 -3.14
N GLY A 59 2.09 -8.06 -3.95
CA GLY A 59 1.18 -9.10 -4.42
C GLY A 59 1.90 -10.21 -5.14
N ASN A 60 2.88 -9.86 -5.96
CA ASN A 60 3.65 -10.84 -6.72
C ASN A 60 4.41 -11.77 -5.78
N GLN A 61 4.91 -11.22 -4.68
CA GLN A 61 5.66 -11.99 -3.72
C GLN A 61 4.75 -12.96 -2.96
N LEU A 62 3.57 -12.47 -2.58
CA LEU A 62 2.61 -13.29 -1.86
C LEU A 62 1.68 -14.03 -2.82
N GLY A 63 2.01 -13.96 -4.11
CA GLY A 63 1.21 -14.64 -5.11
C GLY A 63 -0.27 -14.30 -5.00
N LEU A 64 -0.56 -13.07 -4.59
CA LEU A 64 -1.95 -12.63 -4.43
C LEU A 64 -2.75 -12.89 -5.70
N ASP A 65 -4.06 -12.71 -5.61
CA ASP A 65 -4.95 -12.93 -6.75
C ASP A 65 -4.91 -11.74 -7.70
N ALA A 66 -4.77 -12.02 -8.99
CA ALA A 66 -4.71 -10.96 -10.00
C ALA A 66 -6.02 -10.20 -10.05
N ASN A 67 -7.13 -10.93 -10.02
CA ASN A 67 -8.46 -10.31 -10.07
C ASN A 67 -8.68 -9.39 -8.87
N ALA A 68 -8.27 -9.85 -7.69
CA ALA A 68 -8.42 -9.07 -6.47
C ALA A 68 -7.54 -7.83 -6.51
N MET A 69 -6.33 -7.98 -7.05
CA MET A 69 -5.39 -6.86 -7.15
C MET A 69 -6.01 -5.69 -7.91
N ASN A 70 -6.73 -6.01 -8.97
CA ASN A 70 -7.38 -4.97 -9.79
C ASN A 70 -8.50 -4.30 -9.01
N SER A 71 -9.23 -5.09 -8.23
CA SER A 71 -10.34 -4.58 -7.44
C SER A 71 -9.84 -3.61 -6.37
N LEU A 72 -8.84 -4.04 -5.62
CA LEU A 72 -8.26 -3.22 -4.55
C LEU A 72 -7.52 -2.02 -5.13
N LEU A 73 -6.81 -2.26 -6.23
CA LEU A 73 -6.04 -1.20 -6.89
C LEU A 73 -6.95 -0.04 -7.26
N GLY A 74 -8.23 -0.31 -7.43
CA GLY A 74 -9.18 0.72 -7.78
C GLY A 74 -9.94 1.25 -6.59
N ALA A 75 -10.16 0.39 -5.60
CA ALA A 75 -10.89 0.77 -4.40
C ALA A 75 -10.20 1.94 -3.69
N VAL A 76 -8.89 1.81 -3.50
CA VAL A 76 -8.11 2.86 -2.84
C VAL A 76 -8.17 4.16 -3.63
N SER A 77 -8.21 4.06 -4.95
CA SER A 77 -8.26 5.23 -5.81
C SER A 77 -9.40 6.15 -5.40
N GLY A 78 -10.52 5.56 -5.01
CA GLY A 78 -11.67 6.34 -4.59
C GLY A 78 -11.78 6.46 -3.09
N TYR A 79 -11.11 5.55 -2.37
CA TYR A 79 -11.15 5.55 -0.92
C TYR A 79 -10.37 6.73 -0.36
N VAL A 80 -9.11 6.87 -0.79
CA VAL A 80 -8.26 7.95 -0.33
C VAL A 80 -8.81 9.30 -0.76
N SER A 81 -9.38 9.35 -1.96
CA SER A 81 -9.93 10.59 -2.49
C SER A 81 -11.00 11.15 -1.55
N THR A 82 -11.70 10.26 -0.86
CA THR A 82 -12.75 10.66 0.07
C THR A 82 -12.15 11.33 1.30
N LEU A 83 -10.90 11.00 1.61
CA LEU A 83 -10.21 11.58 2.76
C LEU A 83 -10.33 13.09 2.78
N GLY A 84 -9.47 13.76 2.02
CA GLY A 84 -9.50 15.21 1.95
C GLY A 84 -8.82 15.86 3.15
N ASN A 85 -8.52 15.05 4.16
CA ASN A 85 -7.85 15.55 5.36
C ASN A 85 -6.38 15.85 5.09
N ALA A 86 -5.67 14.86 4.57
CA ALA A 86 -4.25 15.01 4.26
C ALA A 86 -3.64 13.69 3.82
N ILE A 87 -2.62 13.78 2.98
CA ILE A 87 -1.94 12.59 2.47
C ILE A 87 -0.70 12.26 3.30
N SER A 88 -0.19 13.27 4.00
CA SER A 88 1.00 13.09 4.83
C SER A 88 0.70 12.16 6.01
N ASP A 89 -0.58 11.92 6.26
CA ASP A 89 -0.99 11.06 7.36
C ASP A 89 -0.89 9.59 6.95
N ALA A 90 0.14 8.92 7.45
CA ALA A 90 0.35 7.50 7.14
C ALA A 90 -0.78 6.64 7.69
N SER A 91 -1.05 6.80 8.98
CA SER A 91 -2.11 6.04 9.63
C SER A 91 -3.46 6.31 8.99
N ALA A 92 -3.64 7.54 8.51
CA ALA A 92 -4.89 7.94 7.86
C ALA A 92 -5.02 7.28 6.49
N TYR A 93 -4.04 7.50 5.63
CA TYR A 93 -4.06 6.95 4.28
C TYR A 93 -3.99 5.43 4.33
N ALA A 94 -3.02 4.91 5.09
CA ALA A 94 -2.85 3.47 5.22
C ALA A 94 -4.14 2.80 5.70
N ASN A 95 -4.92 3.53 6.49
CA ASN A 95 -6.18 3.01 7.01
C ASN A 95 -7.17 2.74 5.88
N ALA A 96 -7.16 3.61 4.88
CA ALA A 96 -8.06 3.47 3.74
C ALA A 96 -7.66 2.28 2.87
N ILE A 97 -6.39 2.24 2.47
CA ILE A 97 -5.88 1.16 1.64
C ILE A 97 -5.93 -0.17 2.39
N SER A 98 -5.66 -0.13 3.69
CA SER A 98 -5.67 -1.33 4.51
C SER A 98 -7.04 -2.00 4.48
N SER A 99 -8.09 -1.19 4.48
CA SER A 99 -9.45 -1.70 4.45
C SER A 99 -9.69 -2.54 3.19
N ALA A 100 -9.14 -2.09 2.08
CA ALA A 100 -9.30 -2.80 0.81
C ALA A 100 -8.55 -4.13 0.83
N ILE A 101 -7.28 -4.08 1.20
CA ILE A 101 -6.44 -5.28 1.26
C ILE A 101 -7.00 -6.27 2.28
N GLY A 102 -7.44 -5.75 3.41
CA GLY A 102 -7.99 -6.61 4.46
C GLY A 102 -9.20 -7.38 3.99
N ASN A 103 -9.97 -6.80 3.07
CA ASN A 103 -11.16 -7.44 2.55
C ASN A 103 -10.81 -8.65 1.70
N VAL A 104 -9.88 -8.47 0.77
CA VAL A 104 -9.44 -9.56 -0.10
C VAL A 104 -8.66 -10.60 0.68
N LEU A 105 -7.88 -10.15 1.66
CA LEU A 105 -7.08 -11.05 2.48
C LEU A 105 -7.97 -11.93 3.36
N ALA A 106 -8.98 -11.32 3.95
CA ALA A 106 -9.92 -12.04 4.82
C ALA A 106 -10.57 -13.19 4.06
N ASN A 107 -10.85 -12.97 2.78
CA ASN A 107 -11.48 -13.99 1.95
C ASN A 107 -10.60 -15.23 1.85
N SER A 108 -9.30 -15.05 2.02
CA SER A 108 -8.35 -16.14 1.95
C SER A 108 -7.91 -16.57 3.34
N GLY A 109 -8.21 -15.74 4.33
CA GLY A 109 -7.83 -16.06 5.70
C GLY A 109 -7.36 -14.85 6.47
N SER A 110 -7.42 -14.92 7.79
CA SER A 110 -6.98 -13.81 8.64
C SER A 110 -5.56 -14.04 9.15
N ILE A 111 -4.85 -12.95 9.43
CA ILE A 111 -3.49 -13.03 9.93
C ILE A 111 -3.33 -12.24 11.23
N SER A 112 -2.37 -12.65 12.05
CA SER A 112 -2.12 -11.99 13.32
C SER A 112 -0.80 -12.45 13.93
N GLU A 113 -0.70 -13.76 14.18
CA GLU A 113 0.51 -14.34 14.76
C GLU A 113 0.85 -15.66 14.09
N SER A 114 0.47 -15.79 12.83
CA SER A 114 0.74 -17.01 12.08
C SER A 114 1.47 -16.70 10.77
N THR A 115 0.99 -15.69 10.06
CA THR A 115 1.61 -15.29 8.80
C THR A 115 1.62 -13.78 8.64
N ALA A 116 1.88 -13.08 9.75
CA ALA A 116 1.93 -11.62 9.73
C ALA A 116 3.33 -11.11 10.05
N SER A 117 4.34 -11.87 9.61
CA SER A 117 5.73 -11.50 9.85
C SER A 117 6.52 -11.50 8.54
N SER A 118 6.68 -12.68 7.96
CA SER A 118 7.42 -12.82 6.71
C SER A 118 6.73 -12.07 5.58
N ALA A 119 5.41 -12.05 5.61
CA ALA A 119 4.63 -11.36 4.59
C ALA A 119 4.86 -9.86 4.64
N ALA A 120 4.73 -9.28 5.84
CA ALA A 120 4.93 -7.85 6.04
C ALA A 120 6.38 -7.46 5.80
N SER A 121 7.29 -8.23 6.39
CA SER A 121 8.71 -7.96 6.26
C SER A 121 9.14 -8.00 4.79
N SER A 122 8.63 -9.00 4.06
CA SER A 122 8.96 -9.16 2.65
C SER A 122 8.28 -8.07 1.81
N ALA A 123 7.05 -7.73 2.18
CA ALA A 123 6.30 -6.71 1.47
C ALA A 123 6.93 -5.33 1.64
N ALA A 124 7.28 -5.00 2.89
CA ALA A 124 7.90 -3.72 3.18
C ALA A 124 9.33 -3.66 2.66
N SER A 125 9.99 -4.81 2.65
CA SER A 125 11.37 -4.90 2.18
C SER A 125 11.46 -4.61 0.68
N SER A 126 10.44 -5.06 -0.05
CA SER A 126 10.40 -4.86 -1.50
C SER A 126 10.21 -3.39 -1.84
N VAL A 127 9.26 -2.75 -1.15
CA VAL A 127 8.97 -1.33 -1.39
C VAL A 127 10.11 -0.46 -0.87
N THR A 128 10.65 -0.81 0.29
CA THR A 128 11.74 -0.05 0.89
C THR A 128 12.90 0.13 -0.09
N THR A 129 13.33 -0.98 -0.69
CA THR A 129 14.43 -0.94 -1.65
C THR A 129 13.99 -0.28 -2.95
N THR A 130 12.75 -0.55 -3.36
CA THR A 130 12.22 0.02 -4.59
C THR A 130 11.87 1.49 -4.42
N LEU A 131 12.90 2.33 -4.31
CA LEU A 131 12.70 3.77 -4.14
C LEU A 131 14.04 4.49 -4.06
N THR A 132 14.98 3.91 -3.31
CA THR A 132 16.30 4.51 -3.15
C THR A 132 17.36 3.69 -3.88
N SER A 133 17.20 2.37 -3.86
CA SER A 133 18.16 1.48 -4.52
C SER A 133 18.05 1.60 -6.03
N TYR A 134 16.81 1.58 -6.54
CA TYR A 134 16.57 1.69 -7.97
C TYR A 134 16.23 3.13 -8.36
N GLY A 135 15.75 3.90 -7.39
CA GLY A 135 15.40 5.28 -7.65
C GLY A 135 13.92 5.54 -7.44
N PRO A 136 13.57 6.82 -7.22
CA PRO A 136 12.17 7.23 -7.00
C PRO A 136 11.33 7.11 -8.26
N ALA A 137 11.83 7.66 -9.37
CA ALA A 137 11.12 7.62 -10.64
C ALA A 137 10.76 6.19 -11.01
N VAL A 138 11.56 5.23 -10.52
CA VAL A 138 11.32 3.82 -10.80
C VAL A 138 9.93 3.39 -10.35
N PHE A 139 9.39 4.11 -9.36
CA PHE A 139 8.07 3.80 -8.83
C PHE A 139 6.97 4.28 -9.78
N TYR A 140 7.30 5.28 -10.59
CA TYR A 140 6.35 5.84 -11.54
C TYR A 140 5.84 4.76 -12.50
N ALA A 141 6.75 4.21 -13.29
CA ALA A 141 6.40 3.17 -14.25
C ALA A 141 7.53 2.15 -14.39
N GLY A 17 -6.54 -9.03 11.20
CA GLY A 17 -5.60 -8.95 10.10
C GLY A 17 -5.42 -7.53 9.60
N ASN A 18 -6.44 -6.71 9.79
CA ASN A 18 -6.41 -5.32 9.35
C ASN A 18 -5.30 -4.55 10.06
N ALA A 19 -5.10 -4.86 11.34
CA ALA A 19 -4.07 -4.20 12.13
C ALA A 19 -2.67 -4.49 11.57
N PHE A 20 -2.50 -5.71 11.07
CA PHE A 20 -1.21 -6.11 10.50
C PHE A 20 -0.86 -5.27 9.29
N ALA A 21 -1.79 -5.18 8.34
CA ALA A 21 -1.58 -4.41 7.13
C ALA A 21 -1.58 -2.91 7.43
N GLN A 22 -2.40 -2.50 8.38
CA GLN A 22 -2.49 -1.10 8.76
C GLN A 22 -1.20 -0.63 9.44
N SER A 23 -0.69 -1.45 10.33
CA SER A 23 0.54 -1.12 11.05
C SER A 23 1.73 -1.10 10.11
N LEU A 24 1.81 -2.10 9.24
CA LEU A 24 2.91 -2.20 8.27
C LEU A 24 2.80 -1.09 7.23
N SER A 25 1.61 -0.92 6.66
CA SER A 25 1.38 0.09 5.64
C SER A 25 1.62 1.49 6.20
N SER A 26 1.20 1.69 7.46
CA SER A 26 1.35 2.99 8.11
C SER A 26 2.83 3.32 8.30
N ASN A 27 3.65 2.30 8.52
CA ASN A 27 5.07 2.49 8.70
C ASN A 27 5.77 2.77 7.37
N LEU A 28 5.46 1.97 6.37
CA LEU A 28 6.05 2.14 5.05
C LEU A 28 5.56 3.42 4.39
N LEU A 29 4.26 3.69 4.51
CA LEU A 29 3.66 4.89 3.94
C LEU A 29 4.31 6.15 4.51
N SER A 30 4.82 6.05 5.74
CA SER A 30 5.47 7.18 6.38
C SER A 30 6.98 7.10 6.24
N SER A 31 7.44 6.17 5.40
CA SER A 31 8.87 5.99 5.18
C SER A 31 9.55 7.32 4.93
N GLY A 32 10.71 7.51 5.54
CA GLY A 32 11.45 8.75 5.37
C GLY A 32 11.76 9.05 3.92
N ASP A 33 11.72 8.02 3.08
CA ASP A 33 11.99 8.18 1.66
C ASP A 33 10.69 8.28 0.85
N PHE A 34 9.70 7.48 1.25
CA PHE A 34 8.41 7.48 0.56
C PHE A 34 7.66 8.78 0.81
N VAL A 35 7.72 9.27 2.06
CA VAL A 35 7.05 10.50 2.43
C VAL A 35 7.48 11.66 1.52
N GLN A 36 8.75 11.66 1.13
CA GLN A 36 9.28 12.70 0.26
C GLN A 36 8.53 12.74 -1.06
N MET A 37 8.19 11.58 -1.58
CA MET A 37 7.46 11.48 -2.84
C MET A 37 6.02 11.96 -2.68
N ILE A 38 5.38 11.52 -1.61
CA ILE A 38 4.00 11.91 -1.34
C ILE A 38 3.90 13.39 -1.03
N SER A 39 4.93 13.94 -0.40
CA SER A 39 4.96 15.35 -0.04
C SER A 39 4.96 16.23 -1.29
N SER A 40 5.74 15.82 -2.29
CA SER A 40 5.83 16.58 -3.54
C SER A 40 4.64 16.26 -4.45
N THR A 41 4.00 15.13 -4.20
CA THR A 41 2.85 14.71 -4.99
C THR A 41 1.82 15.83 -5.10
N THR A 42 1.10 16.06 -4.01
CA THR A 42 0.08 17.11 -3.97
C THR A 42 -1.15 16.70 -4.79
N SER A 43 -0.98 16.62 -6.10
CA SER A 43 -2.08 16.24 -6.99
C SER A 43 -2.63 14.88 -6.62
N THR A 44 -3.78 14.87 -5.94
CA THR A 44 -4.42 13.64 -5.52
C THR A 44 -4.63 12.70 -6.70
N ASP A 45 -4.80 13.27 -7.89
CA ASP A 45 -5.01 12.48 -9.10
C ASP A 45 -3.88 11.48 -9.29
N GLN A 46 -2.63 11.95 -9.15
CA GLN A 46 -1.46 11.10 -9.32
C GLN A 46 -1.32 10.15 -8.14
N ALA A 47 -1.99 10.47 -7.03
CA ALA A 47 -1.94 9.64 -5.84
C ALA A 47 -2.47 8.23 -6.12
N VAL A 48 -3.43 8.14 -7.04
CA VAL A 48 -4.02 6.85 -7.38
C VAL A 48 -2.99 5.94 -8.03
N SER A 49 -2.06 6.52 -8.77
CA SER A 49 -1.02 5.76 -9.44
C SER A 49 -0.05 5.14 -8.43
N VAL A 50 0.42 5.97 -7.50
CA VAL A 50 1.35 5.50 -6.47
C VAL A 50 0.66 4.55 -5.51
N ALA A 51 -0.59 4.84 -5.19
CA ALA A 51 -1.37 4.01 -4.27
C ALA A 51 -1.42 2.56 -4.76
N THR A 52 -1.54 2.39 -6.08
CA THR A 52 -1.60 1.06 -6.67
C THR A 52 -0.25 0.38 -6.64
N SER A 53 0.82 1.18 -6.67
CA SER A 53 2.18 0.66 -6.66
C SER A 53 2.47 -0.03 -5.33
N VAL A 54 2.13 0.64 -4.23
CA VAL A 54 2.36 0.08 -2.90
C VAL A 54 1.43 -1.09 -2.62
N ALA A 55 0.19 -0.97 -3.09
CA ALA A 55 -0.80 -2.02 -2.89
C ALA A 55 -0.43 -3.28 -3.66
N GLN A 56 0.18 -3.09 -4.84
CA GLN A 56 0.58 -4.22 -5.68
C GLN A 56 1.73 -4.99 -5.04
N ASN A 57 2.67 -4.25 -4.44
CA ASN A 57 3.83 -4.86 -3.80
C ASN A 57 3.39 -5.75 -2.64
N VAL A 58 2.53 -5.22 -1.78
CA VAL A 58 2.04 -5.96 -0.62
C VAL A 58 1.16 -7.13 -1.06
N GLY A 59 0.37 -6.90 -2.10
CA GLY A 59 -0.51 -7.95 -2.61
C GLY A 59 0.24 -9.07 -3.27
N ASN A 60 1.24 -8.72 -4.08
CA ASN A 60 2.04 -9.71 -4.79
C ASN A 60 2.76 -10.63 -3.80
N GLN A 61 3.21 -10.05 -2.69
CA GLN A 61 3.91 -10.81 -1.67
C GLN A 61 3.03 -11.92 -1.10
N LEU A 62 1.76 -11.59 -0.87
CA LEU A 62 0.81 -12.55 -0.32
C LEU A 62 0.25 -13.45 -1.43
N GLY A 63 0.28 -12.95 -2.67
CA GLY A 63 -0.22 -13.70 -3.79
C GLY A 63 -1.73 -13.91 -3.72
N LEU A 64 -2.39 -13.83 -4.87
CA LEU A 64 -3.82 -14.00 -4.95
C LEU A 64 -4.30 -14.01 -6.39
N ASP A 65 -5.61 -14.12 -6.58
CA ASP A 65 -6.19 -14.14 -7.92
C ASP A 65 -5.71 -12.95 -8.75
N ALA A 66 -5.44 -13.20 -10.02
CA ALA A 66 -4.96 -12.16 -10.92
C ALA A 66 -6.02 -11.07 -11.09
N ASN A 67 -7.25 -11.48 -11.35
CA ASN A 67 -8.35 -10.54 -11.54
C ASN A 67 -8.69 -9.83 -10.23
N ALA A 68 -8.74 -10.59 -9.15
CA ALA A 68 -9.05 -10.04 -7.84
C ALA A 68 -7.98 -9.07 -7.37
N MET A 69 -6.72 -9.42 -7.64
CA MET A 69 -5.60 -8.57 -7.26
C MET A 69 -5.74 -7.17 -7.85
N ASN A 70 -6.08 -7.10 -9.14
CA ASN A 70 -6.25 -5.83 -9.82
C ASN A 70 -7.34 -4.99 -9.15
N SER A 71 -8.41 -5.66 -8.72
CA SER A 71 -9.52 -4.98 -8.07
C SER A 71 -9.08 -4.38 -6.73
N LEU A 72 -8.20 -5.08 -6.03
CA LEU A 72 -7.71 -4.61 -4.74
C LEU A 72 -7.01 -3.27 -4.88
N LEU A 73 -6.14 -3.16 -5.88
CA LEU A 73 -5.41 -1.92 -6.13
C LEU A 73 -6.35 -0.82 -6.59
N GLY A 74 -7.51 -1.21 -7.11
CA GLY A 74 -8.48 -0.24 -7.59
C GLY A 74 -9.30 0.36 -6.46
N ALA A 75 -9.31 -0.30 -5.31
CA ALA A 75 -10.05 0.18 -4.16
C ALA A 75 -9.41 1.42 -3.57
N VAL A 76 -8.11 1.35 -3.31
CA VAL A 76 -7.38 2.47 -2.74
C VAL A 76 -7.28 3.62 -3.74
N SER A 77 -7.14 3.28 -5.02
CA SER A 77 -7.02 4.27 -6.08
C SER A 77 -8.17 5.28 -6.00
N GLY A 78 -9.39 4.76 -5.86
CA GLY A 78 -10.56 5.62 -5.78
C GLY A 78 -10.80 6.14 -4.37
N TYR A 79 -10.25 5.44 -3.38
CA TYR A 79 -10.40 5.83 -1.98
C TYR A 79 -9.61 7.09 -1.68
N VAL A 80 -8.32 7.06 -2.01
CA VAL A 80 -7.44 8.21 -1.77
C VAL A 80 -7.96 9.45 -2.48
N SER A 81 -8.56 9.25 -3.65
CA SER A 81 -9.08 10.37 -4.43
C SER A 81 -9.99 11.25 -3.58
N THR A 82 -10.78 10.61 -2.72
CA THR A 82 -11.69 11.33 -1.85
C THR A 82 -10.99 11.79 -0.58
N LEU A 83 -9.89 11.14 -0.25
CA LEU A 83 -9.12 11.48 0.95
C LEU A 83 -8.35 12.79 0.75
N GLY A 84 -8.96 13.88 1.18
CA GLY A 84 -8.32 15.18 1.06
C GLY A 84 -8.12 15.87 2.39
N ASN A 85 -8.30 15.13 3.47
CA ASN A 85 -8.14 15.66 4.82
C ASN A 85 -6.67 15.90 5.14
N ALA A 86 -5.86 14.87 4.92
CA ALA A 86 -4.43 14.96 5.18
C ALA A 86 -3.73 13.66 4.82
N ILE A 87 -2.80 13.74 3.86
CA ILE A 87 -2.05 12.56 3.43
C ILE A 87 -0.81 12.36 4.29
N SER A 88 -0.34 13.43 4.92
CA SER A 88 0.85 13.36 5.76
C SER A 88 0.70 12.25 6.80
N ASP A 89 -0.53 11.97 7.18
CA ASP A 89 -0.81 10.92 8.17
C ASP A 89 -0.76 9.54 7.53
N ALA A 90 0.32 8.81 7.79
CA ALA A 90 0.48 7.47 7.22
C ALA A 90 -0.59 6.53 7.75
N SER A 91 -0.74 6.48 9.07
CA SER A 91 -1.73 5.61 9.70
C SER A 91 -3.14 5.96 9.23
N ALA A 92 -3.34 7.24 8.91
CA ALA A 92 -4.64 7.71 8.44
C ALA A 92 -4.94 7.18 7.04
N TYR A 93 -4.06 7.48 6.10
CA TYR A 93 -4.24 7.04 4.72
C TYR A 93 -4.08 5.53 4.61
N ALA A 94 -3.00 5.00 5.17
CA ALA A 94 -2.74 3.57 5.14
C ALA A 94 -3.91 2.78 5.71
N ASN A 95 -4.62 3.39 6.65
CA ASN A 95 -5.77 2.74 7.28
C ASN A 95 -6.86 2.46 6.25
N ALA A 96 -7.01 3.37 5.28
CA ALA A 96 -8.02 3.22 4.23
C ALA A 96 -7.65 2.08 3.29
N ILE A 97 -6.45 2.16 2.72
CA ILE A 97 -5.97 1.14 1.79
C ILE A 97 -5.85 -0.22 2.48
N SER A 98 -5.32 -0.21 3.71
CA SER A 98 -5.14 -1.44 4.47
C SER A 98 -6.49 -2.14 4.69
N SER A 99 -7.53 -1.35 4.88
CA SER A 99 -8.87 -1.89 5.11
C SER A 99 -9.43 -2.49 3.83
N ALA A 100 -9.13 -1.87 2.70
CA ALA A 100 -9.61 -2.35 1.41
C ALA A 100 -8.93 -3.67 1.03
N ILE A 101 -7.60 -3.65 0.97
CA ILE A 101 -6.85 -4.85 0.61
C ILE A 101 -6.90 -5.88 1.73
N GLY A 102 -6.83 -5.41 2.98
CA GLY A 102 -6.87 -6.30 4.12
C GLY A 102 -8.15 -7.11 4.17
N ASN A 103 -9.27 -6.47 3.86
CA ASN A 103 -10.56 -7.13 3.88
C ASN A 103 -10.61 -8.27 2.85
N VAL A 104 -10.12 -7.98 1.65
CA VAL A 104 -10.10 -8.98 0.58
C VAL A 104 -9.08 -10.07 0.87
N LEU A 105 -7.88 -9.67 1.26
CA LEU A 105 -6.82 -10.62 1.56
C LEU A 105 -7.20 -11.49 2.76
N ALA A 106 -7.93 -10.91 3.71
CA ALA A 106 -8.36 -11.63 4.89
C ALA A 106 -9.35 -12.73 4.54
N ASN A 107 -10.18 -12.48 3.53
CA ASN A 107 -11.17 -13.44 3.10
C ASN A 107 -10.51 -14.59 2.33
N SER A 108 -9.34 -14.32 1.76
CA SER A 108 -8.61 -15.32 0.99
C SER A 108 -7.38 -15.79 1.76
N GLY A 109 -7.27 -15.37 3.01
CA GLY A 109 -6.15 -15.76 3.82
C GLY A 109 -6.49 -15.81 5.31
N SER A 110 -5.49 -16.08 6.13
CA SER A 110 -5.69 -16.16 7.58
C SER A 110 -4.61 -15.39 8.33
N ILE A 111 -4.93 -14.17 8.73
CA ILE A 111 -3.98 -13.33 9.46
C ILE A 111 -4.63 -12.69 10.68
N SER A 112 -3.92 -12.69 11.80
CA SER A 112 -4.43 -12.12 13.03
C SER A 112 -3.37 -12.14 14.13
N GLU A 113 -2.41 -11.23 14.03
CA GLU A 113 -1.34 -11.15 15.02
C GLU A 113 -0.37 -10.01 14.68
N SER A 114 0.72 -9.93 15.43
CA SER A 114 1.72 -8.89 15.22
C SER A 114 2.15 -8.84 13.76
N THR A 115 2.91 -9.85 13.34
CA THR A 115 3.40 -9.93 11.97
C THR A 115 2.77 -11.11 11.24
N ALA A 116 2.27 -10.85 10.04
CA ALA A 116 1.63 -11.88 9.23
C ALA A 116 2.69 -12.77 8.57
N SER A 117 3.51 -13.41 9.38
CA SER A 117 4.56 -14.29 8.88
C SER A 117 5.58 -13.50 8.05
N SER A 118 6.35 -14.20 7.23
CA SER A 118 7.36 -13.57 6.40
C SER A 118 6.74 -12.51 5.50
N ALA A 119 5.48 -12.71 5.15
CA ALA A 119 4.76 -11.77 4.29
C ALA A 119 4.85 -10.35 4.84
N ALA A 120 4.95 -10.24 6.16
CA ALA A 120 5.05 -8.94 6.81
C ALA A 120 6.36 -8.24 6.45
N SER A 121 7.46 -8.97 6.56
CA SER A 121 8.78 -8.42 6.25
C SER A 121 8.97 -8.28 4.75
N SER A 122 8.41 -9.22 4.00
CA SER A 122 8.52 -9.20 2.54
C SER A 122 7.69 -8.06 1.95
N ALA A 123 6.51 -7.85 2.50
CA ALA A 123 5.62 -6.79 2.04
C ALA A 123 6.30 -5.42 2.15
N ALA A 124 6.89 -5.16 3.31
CA ALA A 124 7.57 -3.89 3.54
C ALA A 124 8.87 -3.81 2.76
N SER A 125 9.62 -4.91 2.73
CA SER A 125 10.88 -4.97 2.01
C SER A 125 10.69 -4.65 0.53
N SER A 126 9.55 -5.09 -0.02
CA SER A 126 9.25 -4.87 -1.42
C SER A 126 9.27 -3.38 -1.75
N VAL A 127 8.62 -2.58 -0.91
CA VAL A 127 8.57 -1.14 -1.11
C VAL A 127 9.92 -0.50 -0.82
N THR A 128 10.54 -0.90 0.29
CA THR A 128 11.84 -0.36 0.69
C THR A 128 12.83 -0.46 -0.46
N THR A 129 12.90 -1.62 -1.08
CA THR A 129 13.82 -1.84 -2.20
C THR A 129 13.56 -0.85 -3.33
N THR A 130 12.29 -0.70 -3.70
CA THR A 130 11.90 0.21 -4.77
C THR A 130 11.96 1.66 -4.31
N LEU A 131 11.44 2.56 -5.13
CA LEU A 131 11.42 3.97 -4.81
C LEU A 131 12.81 4.59 -5.00
N THR A 132 13.82 3.95 -4.42
CA THR A 132 15.19 4.43 -4.53
C THR A 132 15.97 3.62 -5.56
N SER A 133 15.69 2.32 -5.62
CA SER A 133 16.37 1.44 -6.57
C SER A 133 16.02 1.80 -8.00
N TYR A 134 14.73 1.87 -8.29
CA TYR A 134 14.26 2.21 -9.63
C TYR A 134 13.86 3.68 -9.71
N GLY A 135 13.49 4.25 -8.56
CA GLY A 135 13.07 5.64 -8.52
C GLY A 135 11.63 5.81 -8.09
N PRO A 136 11.31 6.99 -7.54
CA PRO A 136 9.96 7.30 -7.07
C PRO A 136 8.97 7.45 -8.21
N ALA A 137 9.33 8.23 -9.22
CA ALA A 137 8.47 8.44 -10.38
C ALA A 137 8.21 7.14 -11.12
N VAL A 138 9.28 6.38 -11.39
CA VAL A 138 9.16 5.11 -12.09
C VAL A 138 8.30 4.13 -11.30
N PHE A 139 8.12 4.41 -10.01
CA PHE A 139 7.32 3.55 -9.14
C PHE A 139 5.88 3.43 -9.66
N TYR A 140 5.32 4.57 -10.05
CA TYR A 140 3.95 4.59 -10.56
C TYR A 140 3.92 4.93 -12.05
N ALA A 141 5.07 5.35 -12.57
CA ALA A 141 5.19 5.69 -13.98
C ALA A 141 4.10 6.67 -14.40
N GLY A 17 -6.24 -8.74 11.60
CA GLY A 17 -5.41 -8.70 10.42
C GLY A 17 -5.34 -7.31 9.80
N ASN A 18 -6.43 -6.57 9.93
CA ASN A 18 -6.50 -5.22 9.38
C ASN A 18 -5.47 -4.31 10.06
N ALA A 19 -5.41 -4.38 11.38
CA ALA A 19 -4.48 -3.57 12.15
C ALA A 19 -3.03 -3.96 11.85
N PHE A 20 -2.81 -5.24 11.59
CA PHE A 20 -1.48 -5.75 11.30
C PHE A 20 -0.90 -5.06 10.06
N ALA A 21 -1.66 -5.06 8.98
CA ALA A 21 -1.22 -4.43 7.74
C ALA A 21 -1.22 -2.91 7.86
N GLN A 22 -2.18 -2.38 8.61
CA GLN A 22 -2.30 -0.94 8.81
C GLN A 22 -1.07 -0.39 9.53
N SER A 23 -0.58 -1.14 10.51
CA SER A 23 0.60 -0.72 11.28
C SER A 23 1.83 -0.65 10.38
N LEU A 24 2.01 -1.67 9.55
CA LEU A 24 3.15 -1.73 8.64
C LEU A 24 3.02 -0.68 7.53
N SER A 25 1.84 -0.64 6.92
CA SER A 25 1.58 0.30 5.83
C SER A 25 1.69 1.74 6.34
N SER A 26 1.22 1.98 7.55
CA SER A 26 1.25 3.31 8.15
C SER A 26 2.69 3.82 8.24
N ASN A 27 3.58 2.99 8.79
CA ASN A 27 4.97 3.36 8.93
C ASN A 27 5.67 3.40 7.57
N LEU A 28 5.46 2.36 6.78
CA LEU A 28 6.07 2.27 5.46
C LEU A 28 5.66 3.46 4.60
N LEU A 29 4.40 3.87 4.71
CA LEU A 29 3.89 5.00 3.94
C LEU A 29 4.45 6.31 4.47
N SER A 30 4.75 6.36 5.76
CA SER A 30 5.30 7.55 6.38
C SER A 30 6.82 7.47 6.49
N SER A 31 7.39 6.46 5.83
CA SER A 31 8.84 6.27 5.86
C SER A 31 9.57 7.59 5.67
N GLY A 32 10.67 7.77 6.40
CA GLY A 32 11.44 9.00 6.31
C GLY A 32 11.87 9.29 4.89
N ASP A 33 11.88 8.27 4.04
CA ASP A 33 12.28 8.43 2.65
C ASP A 33 11.06 8.42 1.72
N PHE A 34 10.06 7.63 2.09
CA PHE A 34 8.84 7.53 1.30
C PHE A 34 8.03 8.82 1.38
N VAL A 35 7.98 9.41 2.57
CA VAL A 35 7.24 10.65 2.78
C VAL A 35 7.68 11.73 1.79
N GLN A 36 8.97 11.73 1.46
CA GLN A 36 9.52 12.70 0.52
C GLN A 36 8.84 12.60 -0.84
N MET A 37 8.57 11.37 -1.27
CA MET A 37 7.92 11.13 -2.56
C MET A 37 6.46 11.54 -2.50
N ILE A 38 5.76 11.07 -1.47
CA ILE A 38 4.34 11.39 -1.30
C ILE A 38 4.13 12.90 -1.17
N SER A 39 5.01 13.56 -0.42
CA SER A 39 4.92 14.99 -0.21
C SER A 39 5.24 15.75 -1.50
N SER A 40 6.26 15.29 -2.21
CA SER A 40 6.66 15.92 -3.46
C SER A 40 5.63 15.69 -4.55
N THR A 41 4.73 14.74 -4.31
CA THR A 41 3.68 14.42 -5.28
C THR A 41 2.64 15.52 -5.34
N THR A 42 2.95 16.57 -6.10
CA THR A 42 2.03 17.70 -6.26
C THR A 42 0.77 17.29 -7.00
N SER A 43 0.92 16.90 -8.25
CA SER A 43 -0.21 16.48 -9.07
C SER A 43 -0.97 15.34 -8.40
N THR A 44 -2.24 15.59 -8.08
CA THR A 44 -3.07 14.59 -7.43
C THR A 44 -3.10 13.29 -8.23
N ASP A 45 -2.96 13.42 -9.56
CA ASP A 45 -2.97 12.26 -10.44
C ASP A 45 -1.87 11.27 -10.04
N GLN A 46 -0.70 11.80 -9.69
CA GLN A 46 0.43 10.96 -9.29
C GLN A 46 0.20 10.35 -7.92
N ALA A 47 -0.47 11.10 -7.04
CA ALA A 47 -0.76 10.63 -5.70
C ALA A 47 -1.71 9.45 -5.72
N VAL A 48 -2.74 9.52 -6.56
CA VAL A 48 -3.71 8.45 -6.68
C VAL A 48 -3.13 7.26 -7.41
N SER A 49 -2.26 7.53 -8.39
CA SER A 49 -1.64 6.47 -9.17
C SER A 49 -0.68 5.65 -8.31
N VAL A 50 0.17 6.35 -7.55
CA VAL A 50 1.13 5.69 -6.69
C VAL A 50 0.44 4.85 -5.62
N ALA A 51 -0.68 5.36 -5.11
CA ALA A 51 -1.44 4.66 -4.09
C ALA A 51 -1.77 3.24 -4.53
N THR A 52 -2.10 3.08 -5.81
CA THR A 52 -2.43 1.77 -6.35
C THR A 52 -1.18 0.93 -6.57
N SER A 53 -0.05 1.59 -6.78
CA SER A 53 1.22 0.91 -7.00
C SER A 53 1.54 -0.02 -5.84
N VAL A 54 1.40 0.50 -4.62
CA VAL A 54 1.69 -0.28 -3.42
C VAL A 54 0.66 -1.38 -3.23
N ALA A 55 -0.58 -1.11 -3.65
CA ALA A 55 -1.65 -2.09 -3.52
C ALA A 55 -1.40 -3.30 -4.41
N GLN A 56 -0.83 -3.06 -5.59
CA GLN A 56 -0.54 -4.13 -6.53
C GLN A 56 0.61 -5.00 -6.03
N ASN A 57 1.60 -4.37 -5.42
CA ASN A 57 2.76 -5.09 -4.90
C ASN A 57 2.34 -6.05 -3.79
N VAL A 58 1.55 -5.55 -2.84
CA VAL A 58 1.08 -6.37 -1.73
C VAL A 58 0.14 -7.46 -2.22
N GLY A 59 -0.68 -7.13 -3.22
CA GLY A 59 -1.62 -8.10 -3.75
C GLY A 59 -0.93 -9.22 -4.53
N ASN A 60 0.05 -8.84 -5.34
CA ASN A 60 0.78 -9.81 -6.14
C ASN A 60 1.63 -10.72 -5.26
N GLN A 61 2.18 -10.14 -4.19
CA GLN A 61 3.01 -10.90 -3.27
C GLN A 61 2.22 -12.03 -2.62
N LEU A 62 0.90 -11.87 -2.58
CA LEU A 62 0.02 -12.87 -1.99
C LEU A 62 -0.38 -13.93 -3.01
N GLY A 63 -0.31 -13.55 -4.29
CA GLY A 63 -0.67 -14.47 -5.35
C GLY A 63 -2.11 -14.95 -5.26
N LEU A 64 -3.04 -14.03 -5.53
CA LEU A 64 -4.46 -14.36 -5.47
C LEU A 64 -5.10 -14.24 -6.85
N ASP A 65 -6.41 -14.41 -6.91
CA ASP A 65 -7.15 -14.31 -8.17
C ASP A 65 -6.82 -13.01 -8.89
N ALA A 66 -6.38 -13.13 -10.15
CA ALA A 66 -6.02 -11.96 -10.94
C ALA A 66 -7.16 -10.95 -10.95
N ASN A 67 -8.39 -11.44 -10.99
CA ASN A 67 -9.57 -10.58 -11.01
C ASN A 67 -9.74 -9.87 -9.67
N ALA A 68 -9.56 -10.62 -8.58
CA ALA A 68 -9.69 -10.07 -7.24
C ALA A 68 -8.61 -9.04 -6.96
N MET A 69 -7.35 -9.45 -7.08
CA MET A 69 -6.23 -8.55 -6.84
C MET A 69 -6.31 -7.32 -7.73
N ASN A 70 -6.80 -7.51 -8.95
CA ASN A 70 -6.94 -6.41 -9.90
C ASN A 70 -7.85 -5.32 -9.34
N SER A 71 -9.00 -5.74 -8.83
CA SER A 71 -9.97 -4.80 -8.27
C SER A 71 -9.45 -4.20 -6.97
N LEU A 72 -8.73 -5.00 -6.19
CA LEU A 72 -8.18 -4.55 -4.92
C LEU A 72 -7.28 -3.33 -5.12
N LEU A 73 -6.40 -3.40 -6.11
CA LEU A 73 -5.50 -2.30 -6.42
C LEU A 73 -6.27 -1.05 -6.84
N GLY A 74 -7.48 -1.26 -7.32
CA GLY A 74 -8.31 -0.14 -7.74
C GLY A 74 -9.10 0.47 -6.61
N ALA A 75 -9.08 -0.19 -5.46
CA ALA A 75 -9.80 0.30 -4.28
C ALA A 75 -9.21 1.60 -3.77
N VAL A 76 -7.89 1.62 -3.59
CA VAL A 76 -7.19 2.80 -3.11
C VAL A 76 -7.30 3.95 -4.11
N SER A 77 -7.27 3.60 -5.40
CA SER A 77 -7.37 4.61 -6.46
C SER A 77 -8.59 5.50 -6.26
N GLY A 78 -9.69 4.89 -5.83
CA GLY A 78 -10.91 5.64 -5.61
C GLY A 78 -11.07 6.08 -4.17
N TYR A 79 -10.43 5.36 -3.26
CA TYR A 79 -10.51 5.68 -1.83
C TYR A 79 -9.72 6.95 -1.52
N VAL A 80 -8.69 7.21 -2.32
CA VAL A 80 -7.85 8.39 -2.13
C VAL A 80 -8.62 9.67 -2.48
N SER A 81 -9.46 9.58 -3.51
CA SER A 81 -10.24 10.73 -3.95
C SER A 81 -11.24 11.16 -2.87
N THR A 82 -11.94 10.18 -2.31
CA THR A 82 -12.92 10.46 -1.27
C THR A 82 -12.26 10.53 0.11
N LEU A 83 -11.01 10.06 0.18
CA LEU A 83 -10.27 10.07 1.44
C LEU A 83 -10.46 11.41 2.17
N GLY A 84 -9.98 12.48 1.56
CA GLY A 84 -10.10 13.79 2.17
C GLY A 84 -8.93 14.13 3.06
N ASN A 85 -8.50 13.16 3.85
CA ASN A 85 -7.37 13.36 4.76
C ASN A 85 -6.06 13.48 4.00
N ALA A 86 -6.11 13.20 2.70
CA ALA A 86 -4.93 13.28 1.85
C ALA A 86 -4.01 12.08 2.07
N ILE A 87 -2.83 12.13 1.48
CA ILE A 87 -1.86 11.05 1.61
C ILE A 87 -0.83 11.36 2.69
N SER A 88 -0.68 12.64 3.00
CA SER A 88 0.27 13.07 4.02
C SER A 88 0.07 12.28 5.32
N ASP A 89 -1.19 11.96 5.61
CA ASP A 89 -1.52 11.22 6.82
C ASP A 89 -1.29 9.72 6.62
N ALA A 90 -0.20 9.21 7.19
CA ALA A 90 0.12 7.80 7.06
C ALA A 90 -0.95 6.92 7.70
N SER A 91 -1.30 7.22 8.95
CA SER A 91 -2.30 6.47 9.67
C SER A 91 -3.65 6.55 8.96
N ALA A 92 -3.91 7.69 8.33
CA ALA A 92 -5.16 7.90 7.61
C ALA A 92 -5.20 7.06 6.33
N TYR A 93 -4.21 7.27 5.46
CA TYR A 93 -4.14 6.54 4.20
C TYR A 93 -3.98 5.04 4.46
N ALA A 94 -3.02 4.68 5.30
CA ALA A 94 -2.77 3.29 5.63
C ALA A 94 -4.02 2.61 6.16
N ASN A 95 -4.80 3.34 6.94
CA ASN A 95 -6.03 2.81 7.51
C ASN A 95 -7.02 2.44 6.42
N ALA A 96 -7.05 3.24 5.36
CA ALA A 96 -7.95 2.99 4.24
C ALA A 96 -7.53 1.76 3.45
N ILE A 97 -6.27 1.77 3.01
CA ILE A 97 -5.73 0.65 2.24
C ILE A 97 -5.71 -0.63 3.06
N SER A 98 -5.44 -0.50 4.35
CA SER A 98 -5.39 -1.65 5.25
C SER A 98 -6.73 -2.38 5.27
N SER A 99 -7.80 -1.60 5.21
CA SER A 99 -9.15 -2.18 5.23
C SER A 99 -9.46 -2.89 3.91
N ALA A 100 -8.96 -2.33 2.81
CA ALA A 100 -9.18 -2.91 1.49
C ALA A 100 -8.43 -4.24 1.35
N ILE A 101 -7.12 -4.19 1.56
CA ILE A 101 -6.29 -5.40 1.46
C ILE A 101 -6.58 -6.37 2.59
N GLY A 102 -6.80 -5.83 3.78
CA GLY A 102 -7.09 -6.67 4.93
C GLY A 102 -8.36 -7.48 4.76
N ASN A 103 -9.41 -6.83 4.26
CA ASN A 103 -10.68 -7.50 4.05
C ASN A 103 -10.53 -8.65 3.05
N VAL A 104 -9.70 -8.45 2.04
CA VAL A 104 -9.46 -9.47 1.02
C VAL A 104 -8.71 -10.66 1.61
N LEU A 105 -7.78 -10.38 2.51
CA LEU A 105 -6.98 -11.43 3.14
C LEU A 105 -7.86 -12.30 4.04
N ALA A 106 -8.82 -11.67 4.72
CA ALA A 106 -9.73 -12.39 5.61
C ALA A 106 -10.50 -13.46 4.85
N ASN A 107 -10.87 -13.16 3.62
CA ASN A 107 -11.61 -14.10 2.79
C ASN A 107 -10.72 -15.24 2.31
N SER A 108 -9.42 -14.96 2.23
CA SER A 108 -8.46 -15.97 1.79
C SER A 108 -8.11 -16.93 2.92
N GLY A 109 -8.48 -16.55 4.15
CA GLY A 109 -8.20 -17.38 5.29
C GLY A 109 -6.94 -16.97 6.02
N SER A 110 -5.82 -17.59 5.64
CA SER A 110 -4.53 -17.29 6.27
C SER A 110 -3.79 -16.22 5.48
N ILE A 111 -2.95 -15.47 6.17
CA ILE A 111 -2.18 -14.40 5.54
C ILE A 111 -1.23 -14.97 4.50
N SER A 112 -0.37 -15.90 4.92
CA SER A 112 0.59 -16.52 4.02
C SER A 112 1.18 -17.78 4.65
N GLU A 113 1.97 -18.51 3.86
CA GLU A 113 2.58 -19.74 4.34
C GLU A 113 3.50 -19.47 5.53
N SER A 114 4.12 -18.29 5.54
CA SER A 114 5.02 -17.90 6.61
C SER A 114 4.39 -16.82 7.49
N THR A 115 3.20 -17.12 8.02
CA THR A 115 2.50 -16.17 8.87
C THR A 115 2.39 -14.80 8.21
N ALA A 116 1.93 -13.82 8.98
CA ALA A 116 1.79 -12.46 8.46
C ALA A 116 3.08 -11.67 8.61
N SER A 117 3.93 -12.11 9.54
CA SER A 117 5.20 -11.44 9.79
C SER A 117 6.01 -11.33 8.50
N SER A 118 6.37 -12.48 7.94
CA SER A 118 7.15 -12.52 6.71
C SER A 118 6.40 -11.82 5.56
N ALA A 119 5.12 -12.10 5.45
CA ALA A 119 4.29 -11.50 4.41
C ALA A 119 4.37 -9.98 4.47
N ALA A 120 4.32 -9.42 5.67
CA ALA A 120 4.38 -7.98 5.86
C ALA A 120 5.74 -7.44 5.43
N SER A 121 6.81 -8.10 5.88
CA SER A 121 8.17 -7.67 5.55
C SER A 121 8.39 -7.70 4.04
N SER A 122 7.76 -8.66 3.37
CA SER A 122 7.90 -8.80 1.93
C SER A 122 7.30 -7.60 1.21
N ALA A 123 6.18 -7.10 1.73
CA ALA A 123 5.51 -5.95 1.14
C ALA A 123 6.34 -4.69 1.29
N ALA A 124 6.88 -4.47 2.50
CA ALA A 124 7.70 -3.30 2.78
C ALA A 124 9.05 -3.41 2.08
N SER A 125 9.56 -4.62 1.96
CA SER A 125 10.85 -4.85 1.32
C SER A 125 10.78 -4.55 -0.18
N SER A 126 9.63 -4.87 -0.79
CA SER A 126 9.43 -4.63 -2.21
C SER A 126 9.36 -3.13 -2.50
N VAL A 127 8.59 -2.41 -1.70
CA VAL A 127 8.44 -0.98 -1.87
C VAL A 127 9.72 -0.24 -1.51
N THR A 128 10.37 -0.67 -0.43
CA THR A 128 11.60 -0.05 0.02
C THR A 128 12.70 -0.20 -1.03
N THR A 129 12.84 -1.40 -1.57
CA THR A 129 13.85 -1.67 -2.58
C THR A 129 13.68 -0.76 -3.80
N THR A 130 12.43 -0.61 -4.25
CA THR A 130 12.14 0.22 -5.40
C THR A 130 12.15 1.70 -5.02
N LEU A 131 12.52 1.99 -3.78
CA LEU A 131 12.58 3.36 -3.29
C LEU A 131 14.03 3.84 -3.19
N THR A 132 14.92 2.93 -2.81
CA THR A 132 16.33 3.26 -2.68
C THR A 132 17.20 2.30 -3.48
N SER A 133 16.91 1.01 -3.36
CA SER A 133 17.67 -0.02 -4.06
C SER A 133 17.60 0.20 -5.57
N TYR A 134 16.52 0.81 -6.03
CA TYR A 134 16.33 1.09 -7.44
C TYR A 134 16.20 2.59 -7.70
N GLY A 135 15.78 3.33 -6.68
CA GLY A 135 15.63 4.76 -6.81
C GLY A 135 14.19 5.20 -6.68
N PRO A 136 13.98 6.47 -6.29
CA PRO A 136 12.64 7.03 -6.11
C PRO A 136 11.92 7.23 -7.45
N ALA A 137 12.62 7.85 -8.40
CA ALA A 137 12.05 8.10 -9.71
C ALA A 137 11.53 6.82 -10.34
N VAL A 138 12.11 5.69 -9.94
CA VAL A 138 11.71 4.39 -10.46
C VAL A 138 10.23 4.13 -10.21
N PHE A 139 9.69 4.78 -9.18
CA PHE A 139 8.28 4.62 -8.82
C PHE A 139 7.38 5.30 -9.85
N TYR A 140 7.94 6.28 -10.55
CA TYR A 140 7.19 7.02 -11.56
C TYR A 140 7.32 6.36 -12.93
N ALA A 141 6.65 5.23 -13.10
CA ALA A 141 6.69 4.50 -14.37
C ALA A 141 5.82 3.25 -14.31
N GLY A 17 -6.30 -9.55 10.97
CA GLY A 17 -5.57 -9.48 9.73
C GLY A 17 -5.48 -8.07 9.18
N ASN A 18 -6.46 -7.25 9.52
CA ASN A 18 -6.48 -5.86 9.05
C ASN A 18 -5.32 -5.06 9.66
N ALA A 19 -4.98 -5.39 10.90
CA ALA A 19 -3.89 -4.70 11.58
C ALA A 19 -2.54 -5.04 10.95
N PHE A 20 -2.45 -6.22 10.35
CA PHE A 20 -1.21 -6.66 9.70
C PHE A 20 -0.87 -5.75 8.53
N ALA A 21 -1.83 -5.54 7.64
CA ALA A 21 -1.62 -4.69 6.48
C ALA A 21 -1.53 -3.22 6.87
N GLN A 22 -2.39 -2.82 7.81
CA GLN A 22 -2.41 -1.44 8.28
C GLN A 22 -1.10 -1.07 8.97
N SER A 23 -0.58 -2.01 9.76
CA SER A 23 0.67 -1.79 10.48
C SER A 23 1.83 -1.60 9.51
N LEU A 24 1.89 -2.46 8.49
CA LEU A 24 2.96 -2.40 7.50
C LEU A 24 2.78 -1.18 6.60
N SER A 25 1.57 -0.98 6.10
CA SER A 25 1.27 0.14 5.22
C SER A 25 1.48 1.47 5.95
N SER A 26 1.16 1.47 7.25
CA SER A 26 1.31 2.67 8.07
C SER A 26 2.75 3.18 8.02
N ASN A 27 3.70 2.28 8.27
CA ASN A 27 5.11 2.64 8.26
C ASN A 27 5.61 2.85 6.84
N LEU A 28 5.12 2.03 5.92
CA LEU A 28 5.52 2.13 4.52
C LEU A 28 5.09 3.47 3.92
N LEU A 29 3.89 3.91 4.30
CA LEU A 29 3.36 5.17 3.81
C LEU A 29 4.07 6.37 4.46
N SER A 30 4.40 6.20 5.74
CA SER A 30 5.09 7.26 6.48
C SER A 30 6.60 7.13 6.35
N SER A 31 7.04 6.18 5.52
CA SER A 31 8.46 5.95 5.31
C SER A 31 9.19 7.26 5.03
N GLY A 32 10.38 7.40 5.61
CA GLY A 32 11.16 8.61 5.41
C GLY A 32 11.44 8.89 3.94
N ASP A 33 11.31 7.86 3.11
CA ASP A 33 11.54 8.00 1.69
C ASP A 33 10.22 8.09 0.92
N PHE A 34 9.23 7.33 1.37
CA PHE A 34 7.92 7.32 0.73
C PHE A 34 7.19 8.63 0.96
N VAL A 35 7.31 9.16 2.18
CA VAL A 35 6.66 10.43 2.53
C VAL A 35 7.07 11.54 1.56
N GLN A 36 8.33 11.51 1.13
CA GLN A 36 8.85 12.51 0.21
C GLN A 36 8.08 12.48 -1.11
N MET A 37 7.76 11.28 -1.58
CA MET A 37 7.03 11.10 -2.83
C MET A 37 5.59 11.57 -2.68
N ILE A 38 4.96 11.18 -1.57
CA ILE A 38 3.57 11.56 -1.31
C ILE A 38 3.44 13.05 -1.06
N SER A 39 4.49 13.64 -0.49
CA SER A 39 4.49 15.07 -0.18
C SER A 39 4.90 15.87 -1.42
N SER A 40 5.77 15.30 -2.24
CA SER A 40 6.25 15.96 -3.44
C SER A 40 5.38 15.60 -4.64
N THR A 41 4.36 14.78 -4.40
CA THR A 41 3.46 14.35 -5.46
C THR A 41 2.86 15.54 -6.19
N THR A 42 2.75 16.66 -5.49
CA THR A 42 2.19 17.87 -6.06
C THR A 42 0.68 17.76 -6.23
N SER A 43 0.26 16.89 -7.15
CA SER A 43 -1.16 16.69 -7.42
C SER A 43 -1.69 15.50 -6.63
N THR A 44 -2.70 15.75 -5.79
CA THR A 44 -3.30 14.71 -4.97
C THR A 44 -3.76 13.54 -5.83
N ASP A 45 -4.14 13.83 -7.07
CA ASP A 45 -4.60 12.80 -7.99
C ASP A 45 -3.50 11.76 -8.25
N GLN A 46 -2.26 12.24 -8.33
CA GLN A 46 -1.12 11.36 -8.57
C GLN A 46 -0.97 10.35 -7.43
N ALA A 47 -1.61 10.62 -6.31
CA ALA A 47 -1.54 9.74 -5.16
C ALA A 47 -2.09 8.36 -5.49
N VAL A 48 -3.07 8.32 -6.39
CA VAL A 48 -3.68 7.06 -6.80
C VAL A 48 -2.67 6.16 -7.49
N SER A 49 -1.75 6.77 -8.23
CA SER A 49 -0.72 6.02 -8.95
C SER A 49 0.26 5.37 -7.97
N VAL A 50 0.76 6.16 -7.03
CA VAL A 50 1.71 5.67 -6.04
C VAL A 50 1.04 4.67 -5.09
N ALA A 51 -0.21 4.95 -4.74
CA ALA A 51 -0.95 4.08 -3.83
C ALA A 51 -1.19 2.71 -4.46
N THR A 52 -1.44 2.70 -5.77
CA THR A 52 -1.69 1.45 -6.49
C THR A 52 -0.39 0.67 -6.66
N SER A 53 0.73 1.37 -6.72
CA SER A 53 2.03 0.74 -6.89
C SER A 53 2.38 -0.12 -5.68
N VAL A 54 2.19 0.45 -4.48
CA VAL A 54 2.48 -0.26 -3.25
C VAL A 54 1.49 -1.40 -3.02
N ALA A 55 0.24 -1.19 -3.43
CA ALA A 55 -0.79 -2.20 -3.27
C ALA A 55 -0.50 -3.42 -4.13
N GLN A 56 0.08 -3.18 -5.31
CA GLN A 56 0.41 -4.27 -6.22
C GLN A 56 1.49 -5.17 -5.65
N ASN A 57 2.49 -4.56 -5.01
CA ASN A 57 3.58 -5.31 -4.41
C ASN A 57 3.07 -6.20 -3.28
N VAL A 58 2.29 -5.62 -2.38
CA VAL A 58 1.74 -6.36 -1.25
C VAL A 58 0.75 -7.41 -1.72
N GLY A 59 -0.02 -7.08 -2.76
CA GLY A 59 -1.00 -8.02 -3.29
C GLY A 59 -0.36 -9.20 -3.98
N ASN A 60 0.69 -8.93 -4.75
CA ASN A 60 1.40 -9.98 -5.49
C ASN A 60 1.96 -11.02 -4.53
N GLN A 61 2.47 -10.54 -3.38
CA GLN A 61 3.05 -11.44 -2.38
C GLN A 61 1.96 -12.27 -1.71
N LEU A 62 0.73 -11.78 -1.74
CA LEU A 62 -0.39 -12.47 -1.14
C LEU A 62 -1.05 -13.43 -2.13
N GLY A 63 -0.89 -13.13 -3.42
CA GLY A 63 -1.46 -13.97 -4.46
C GLY A 63 -2.94 -14.22 -4.24
N LEU A 64 -3.36 -15.46 -4.47
CA LEU A 64 -4.76 -15.83 -4.29
C LEU A 64 -5.65 -15.08 -5.28
N ASP A 65 -6.15 -15.79 -6.28
CA ASP A 65 -7.02 -15.18 -7.29
C ASP A 65 -6.38 -13.93 -7.87
N ALA A 66 -5.58 -14.11 -8.91
CA ALA A 66 -4.91 -12.99 -9.57
C ALA A 66 -5.92 -11.93 -10.01
N ASN A 67 -7.08 -12.39 -10.48
CA ASN A 67 -8.12 -11.48 -10.93
C ASN A 67 -8.59 -10.57 -9.81
N ALA A 68 -8.77 -11.15 -8.62
CA ALA A 68 -9.21 -10.39 -7.46
C ALA A 68 -8.22 -9.27 -7.13
N MET A 69 -6.94 -9.57 -7.27
CA MET A 69 -5.89 -8.58 -6.98
C MET A 69 -6.09 -7.33 -7.82
N ASN A 70 -6.51 -7.51 -9.07
CA ASN A 70 -6.74 -6.39 -9.97
C ASN A 70 -7.78 -5.43 -9.40
N SER A 71 -8.90 -5.99 -8.92
CA SER A 71 -9.97 -5.18 -8.35
C SER A 71 -9.54 -4.57 -7.02
N LEU A 72 -8.97 -5.39 -6.15
CA LEU A 72 -8.52 -4.92 -4.84
C LEU A 72 -7.48 -3.82 -4.99
N LEU A 73 -6.59 -3.97 -5.96
CA LEU A 73 -5.54 -2.99 -6.21
C LEU A 73 -6.15 -1.61 -6.47
N GLY A 74 -7.36 -1.59 -7.03
CA GLY A 74 -8.03 -0.34 -7.31
C GLY A 74 -8.86 0.15 -6.15
N ALA A 75 -8.73 -0.51 -5.01
CA ALA A 75 -9.47 -0.14 -3.82
C ALA A 75 -8.96 1.18 -3.23
N VAL A 76 -7.64 1.25 -3.03
CA VAL A 76 -7.02 2.45 -2.48
C VAL A 76 -7.11 3.61 -3.46
N SER A 77 -6.97 3.31 -4.75
CA SER A 77 -7.02 4.32 -5.79
C SER A 77 -8.30 5.15 -5.68
N GLY A 78 -9.40 4.48 -5.33
CA GLY A 78 -10.67 5.17 -5.20
C GLY A 78 -10.88 5.74 -3.81
N TYR A 79 -10.25 5.12 -2.82
CA TYR A 79 -10.37 5.57 -1.44
C TYR A 79 -9.63 6.89 -1.23
N VAL A 80 -8.42 6.97 -1.77
CA VAL A 80 -7.61 8.18 -1.64
C VAL A 80 -8.33 9.39 -2.23
N SER A 81 -9.07 9.15 -3.31
CA SER A 81 -9.81 10.23 -3.97
C SER A 81 -10.66 11.00 -2.97
N THR A 82 -11.20 10.29 -1.99
CA THR A 82 -12.03 10.91 -0.96
C THR A 82 -11.17 11.50 0.17
N LEU A 83 -9.96 10.98 0.31
CA LEU A 83 -9.05 11.44 1.35
C LEU A 83 -8.77 12.94 1.20
N GLY A 84 -9.49 13.75 1.96
CA GLY A 84 -9.31 15.19 1.91
C GLY A 84 -8.89 15.78 3.24
N ASN A 85 -8.84 14.94 4.27
CA ASN A 85 -8.44 15.37 5.60
C ASN A 85 -6.95 15.65 5.66
N ALA A 86 -6.15 14.70 5.19
CA ALA A 86 -4.70 14.85 5.20
C ALA A 86 -4.02 13.62 4.59
N ILE A 87 -3.03 13.85 3.74
CA ILE A 87 -2.30 12.77 3.09
C ILE A 87 -1.02 12.44 3.86
N SER A 88 -0.44 13.45 4.49
CA SER A 88 0.79 13.26 5.25
C SER A 88 0.57 12.28 6.40
N ASP A 89 -0.69 12.06 6.74
CA ASP A 89 -1.04 11.14 7.82
C ASP A 89 -1.01 9.69 7.35
N ALA A 90 0.03 8.96 7.72
CA ALA A 90 0.17 7.57 7.32
C ALA A 90 -0.98 6.73 7.85
N SER A 91 -1.43 7.03 9.07
CA SER A 91 -2.53 6.30 9.68
C SER A 91 -3.80 6.43 8.85
N ALA A 92 -4.06 7.63 8.34
CA ALA A 92 -5.24 7.88 7.53
C ALA A 92 -5.11 7.21 6.16
N TYR A 93 -4.02 7.51 5.47
CA TYR A 93 -3.77 6.94 4.15
C TYR A 93 -3.75 5.42 4.21
N ALA A 94 -2.99 4.86 5.14
CA ALA A 94 -2.88 3.43 5.31
C ALA A 94 -4.22 2.82 5.71
N ASN A 95 -4.98 3.55 6.51
CA ASN A 95 -6.28 3.08 6.97
C ASN A 95 -7.18 2.71 5.78
N ALA A 96 -7.00 3.43 4.68
CA ALA A 96 -7.78 3.18 3.48
C ALA A 96 -7.43 1.82 2.87
N ILE A 97 -6.14 1.62 2.59
CA ILE A 97 -5.68 0.38 2.01
C ILE A 97 -5.86 -0.79 2.97
N SER A 98 -5.74 -0.50 4.26
CA SER A 98 -5.89 -1.53 5.29
C SER A 98 -7.28 -2.17 5.22
N SER A 99 -8.28 -1.35 4.95
CA SER A 99 -9.65 -1.83 4.87
C SER A 99 -9.81 -2.80 3.69
N ALA A 100 -9.26 -2.42 2.55
CA ALA A 100 -9.34 -3.25 1.35
C ALA A 100 -8.51 -4.53 1.51
N ILE A 101 -7.25 -4.35 1.85
CA ILE A 101 -6.35 -5.49 2.04
C ILE A 101 -6.86 -6.43 3.12
N GLY A 102 -7.18 -5.86 4.28
CA GLY A 102 -7.69 -6.67 5.38
C GLY A 102 -8.99 -7.37 5.04
N ASN A 103 -9.78 -6.75 4.17
CA ASN A 103 -11.06 -7.32 3.76
C ASN A 103 -10.85 -8.58 2.95
N VAL A 104 -9.99 -8.50 1.94
CA VAL A 104 -9.70 -9.64 1.08
C VAL A 104 -8.90 -10.71 1.82
N LEU A 105 -8.00 -10.25 2.69
CA LEU A 105 -7.18 -11.17 3.47
C LEU A 105 -8.02 -11.95 4.47
N ALA A 106 -8.91 -11.25 5.16
CA ALA A 106 -9.78 -11.88 6.14
C ALA A 106 -10.75 -12.83 5.48
N ASN A 107 -11.39 -12.37 4.41
CA ASN A 107 -12.36 -13.18 3.68
C ASN A 107 -11.70 -14.43 3.11
N SER A 108 -10.41 -14.33 2.82
CA SER A 108 -9.65 -15.44 2.26
C SER A 108 -9.27 -16.44 3.36
N GLY A 109 -9.41 -16.02 4.61
CA GLY A 109 -9.08 -16.89 5.73
C GLY A 109 -7.92 -16.36 6.54
N SER A 110 -6.70 -16.68 6.10
CA SER A 110 -5.50 -16.24 6.81
C SER A 110 -4.48 -15.68 5.83
N ILE A 111 -3.83 -14.58 6.20
CA ILE A 111 -2.82 -13.95 5.36
C ILE A 111 -1.77 -14.97 4.91
N SER A 112 -1.37 -15.84 5.82
CA SER A 112 -0.38 -16.87 5.51
C SER A 112 -0.11 -17.74 6.73
N GLU A 113 0.45 -17.14 7.78
CA GLU A 113 0.76 -17.86 9.00
C GLU A 113 0.66 -16.95 10.22
N SER A 114 1.10 -17.44 11.37
CA SER A 114 1.05 -16.68 12.61
C SER A 114 2.33 -15.86 12.79
N THR A 115 2.60 -14.99 11.83
CA THR A 115 3.79 -14.15 11.88
C THR A 115 3.42 -12.67 11.92
N ALA A 116 2.47 -12.28 11.07
CA ALA A 116 2.02 -10.90 11.00
C ALA A 116 3.20 -9.94 10.88
N SER A 117 4.12 -10.25 9.95
CA SER A 117 5.29 -9.44 9.72
C SER A 117 6.16 -10.01 8.61
N SER A 118 6.19 -11.34 8.53
CA SER A 118 6.99 -12.02 7.51
C SER A 118 6.51 -11.65 6.11
N ALA A 119 5.19 -11.75 5.90
CA ALA A 119 4.61 -11.44 4.61
C ALA A 119 4.68 -9.93 4.33
N ALA A 120 4.48 -9.13 5.37
CA ALA A 120 4.53 -7.68 5.24
C ALA A 120 5.93 -7.21 4.88
N SER A 121 6.92 -7.74 5.58
CA SER A 121 8.31 -7.37 5.33
C SER A 121 8.71 -7.63 3.88
N SER A 122 8.15 -8.70 3.31
CA SER A 122 8.44 -9.07 1.94
C SER A 122 7.95 -8.00 0.97
N ALA A 123 6.73 -7.52 1.19
CA ALA A 123 6.15 -6.49 0.34
C ALA A 123 6.88 -5.17 0.49
N ALA A 124 7.15 -4.80 1.74
CA ALA A 124 7.85 -3.55 2.03
C ALA A 124 9.29 -3.60 1.56
N SER A 125 9.86 -4.81 1.57
CA SER A 125 11.25 -5.00 1.14
C SER A 125 11.39 -4.74 -0.36
N SER A 126 10.38 -5.12 -1.12
CA SER A 126 10.39 -4.92 -2.56
C SER A 126 10.31 -3.44 -2.93
N VAL A 127 9.39 -2.73 -2.28
CA VAL A 127 9.21 -1.31 -2.52
C VAL A 127 10.41 -0.51 -2.02
N THR A 128 10.90 -0.88 -0.84
CA THR A 128 12.05 -0.19 -0.25
C THR A 128 13.23 -0.17 -1.21
N THR A 129 13.57 -1.33 -1.74
CA THR A 129 14.69 -1.44 -2.68
C THR A 129 14.44 -0.62 -3.93
N THR A 130 13.24 -0.72 -4.48
CA THR A 130 12.88 0.02 -5.67
C THR A 130 12.58 1.48 -5.35
N LEU A 131 12.75 1.85 -4.09
CA LEU A 131 12.50 3.22 -3.65
C LEU A 131 13.81 3.92 -3.28
N THR A 132 14.76 3.14 -2.79
CA THR A 132 16.06 3.69 -2.39
C THR A 132 17.14 3.31 -3.40
N SER A 133 17.12 2.05 -3.84
CA SER A 133 18.10 1.57 -4.80
C SER A 133 17.79 2.09 -6.21
N TYR A 134 16.56 1.87 -6.65
CA TYR A 134 16.15 2.32 -7.98
C TYR A 134 15.98 3.83 -8.02
N GLY A 135 15.64 4.41 -6.87
CA GLY A 135 15.46 5.85 -6.79
C GLY A 135 14.25 6.24 -5.97
N PRO A 136 14.29 7.45 -5.40
CA PRO A 136 13.20 7.96 -4.56
C PRO A 136 11.95 8.28 -5.37
N ALA A 137 11.86 9.51 -5.87
CA ALA A 137 10.72 9.93 -6.67
C ALA A 137 10.65 9.16 -7.98
N VAL A 138 11.73 8.48 -8.33
CA VAL A 138 11.80 7.71 -9.55
C VAL A 138 10.68 6.67 -9.61
N PHE A 139 10.14 6.33 -8.44
CA PHE A 139 9.06 5.35 -8.36
C PHE A 139 7.82 5.83 -9.12
N TYR A 140 7.78 7.14 -9.39
CA TYR A 140 6.65 7.72 -10.12
C TYR A 140 6.88 7.65 -11.62
N ALA A 141 8.16 7.64 -12.02
CA ALA A 141 8.51 7.57 -13.43
C ALA A 141 10.02 7.51 -13.61
N GLY A 17 -7.10 -8.75 10.13
CA GLY A 17 -6.22 -8.62 8.99
C GLY A 17 -6.00 -7.18 8.58
N ASN A 18 -7.02 -6.34 8.80
CA ASN A 18 -6.93 -4.93 8.45
C ASN A 18 -5.83 -4.24 9.25
N ALA A 19 -5.77 -4.53 10.53
CA ALA A 19 -4.77 -3.94 11.42
C ALA A 19 -3.36 -4.39 11.02
N PHE A 20 -3.27 -5.61 10.51
CA PHE A 20 -1.98 -6.16 10.10
C PHE A 20 -1.36 -5.31 8.99
N ALA A 21 -2.12 -5.08 7.93
CA ALA A 21 -1.65 -4.28 6.80
C ALA A 21 -1.54 -2.81 7.18
N GLN A 22 -2.45 -2.35 8.03
CA GLN A 22 -2.45 -0.96 8.46
C GLN A 22 -1.18 -0.63 9.25
N SER A 23 -0.72 -1.58 10.06
CA SER A 23 0.47 -1.39 10.86
C SER A 23 1.70 -1.21 9.97
N LEU A 24 1.83 -2.08 8.97
CA LEU A 24 2.96 -2.02 8.05
C LEU A 24 2.84 -0.81 7.13
N SER A 25 1.66 -0.63 6.54
CA SER A 25 1.43 0.49 5.64
C SER A 25 1.61 1.82 6.37
N SER A 26 1.20 1.86 7.63
CA SER A 26 1.31 3.08 8.43
C SER A 26 2.76 3.57 8.46
N ASN A 27 3.68 2.68 8.80
CA ASN A 27 5.10 3.02 8.88
C ASN A 27 5.71 3.09 7.48
N LEU A 28 5.23 2.23 6.59
CA LEU A 28 5.73 2.18 5.22
C LEU A 28 5.39 3.47 4.48
N LEU A 29 4.23 4.04 4.79
CA LEU A 29 3.79 5.28 4.16
C LEU A 29 4.57 6.47 4.69
N SER A 30 4.90 6.43 5.97
CA SER A 30 5.65 7.52 6.61
C SER A 30 7.15 7.28 6.49
N SER A 31 7.52 6.28 5.68
CA SER A 31 8.94 5.94 5.49
C SER A 31 9.76 7.20 5.21
N GLY A 32 10.97 7.23 5.75
CA GLY A 32 11.85 8.38 5.56
C GLY A 32 12.07 8.69 4.09
N ASP A 33 11.82 7.71 3.23
CA ASP A 33 12.00 7.89 1.80
C ASP A 33 10.66 8.15 1.11
N PHE A 34 9.62 7.49 1.60
CA PHE A 34 8.28 7.65 1.02
C PHE A 34 7.72 9.04 1.33
N VAL A 35 7.91 9.48 2.57
CA VAL A 35 7.43 10.80 2.99
C VAL A 35 7.95 11.89 2.06
N GLN A 36 9.19 11.74 1.60
CA GLN A 36 9.79 12.72 0.71
C GLN A 36 9.07 12.75 -0.64
N MET A 37 8.67 11.59 -1.12
CA MET A 37 7.96 11.50 -2.40
C MET A 37 6.56 12.05 -2.27
N ILE A 38 5.82 11.58 -1.27
CA ILE A 38 4.45 12.02 -1.05
C ILE A 38 4.40 13.53 -0.77
N SER A 39 5.33 13.99 0.06
CA SER A 39 5.39 15.40 0.42
C SER A 39 5.80 16.25 -0.79
N SER A 40 6.71 15.72 -1.59
CA SER A 40 7.18 16.43 -2.78
C SER A 40 6.20 16.25 -3.95
N THR A 41 5.14 15.49 -3.70
CA THR A 41 4.13 15.24 -4.73
C THR A 41 3.44 16.53 -5.14
N THR A 42 3.95 17.15 -6.20
CA THR A 42 3.39 18.40 -6.71
C THR A 42 1.89 18.26 -6.98
N SER A 43 1.46 17.03 -7.27
CA SER A 43 0.05 16.76 -7.56
C SER A 43 -0.42 15.52 -6.80
N THR A 44 -1.12 15.74 -5.70
CA THR A 44 -1.63 14.64 -4.88
C THR A 44 -2.47 13.68 -5.72
N ASP A 45 -3.10 14.20 -6.76
CA ASP A 45 -3.93 13.39 -7.64
C ASP A 45 -3.13 12.22 -8.20
N GLN A 46 -1.87 12.45 -8.51
CA GLN A 46 -0.99 11.41 -9.05
C GLN A 46 -0.62 10.40 -7.98
N ALA A 47 -0.75 10.81 -6.72
CA ALA A 47 -0.43 9.93 -5.59
C ALA A 47 -1.30 8.69 -5.60
N VAL A 48 -2.53 8.83 -6.09
CA VAL A 48 -3.47 7.72 -6.15
C VAL A 48 -2.98 6.64 -7.10
N SER A 49 -2.30 7.06 -8.17
CA SER A 49 -1.78 6.13 -9.16
C SER A 49 -0.63 5.31 -8.59
N VAL A 50 0.33 6.00 -7.99
CA VAL A 50 1.50 5.33 -7.40
C VAL A 50 1.10 4.54 -6.16
N ALA A 51 0.15 5.08 -5.40
CA ALA A 51 -0.32 4.43 -4.18
C ALA A 51 -0.85 3.03 -4.48
N THR A 52 -1.59 2.91 -5.58
CA THR A 52 -2.16 1.61 -5.97
C THR A 52 -1.05 0.58 -6.18
N SER A 53 0.15 1.06 -6.51
CA SER A 53 1.28 0.16 -6.73
C SER A 53 1.52 -0.73 -5.52
N VAL A 54 1.25 -0.19 -4.34
CA VAL A 54 1.44 -0.94 -3.10
C VAL A 54 0.57 -2.19 -3.07
N ALA A 55 -0.61 -2.10 -3.68
CA ALA A 55 -1.54 -3.22 -3.72
C ALA A 55 -0.97 -4.36 -4.57
N GLN A 56 -0.24 -4.02 -5.61
CA GLN A 56 0.35 -5.01 -6.49
C GLN A 56 1.42 -5.82 -5.76
N ASN A 57 2.20 -5.14 -4.92
CA ASN A 57 3.25 -5.80 -4.16
C ASN A 57 2.67 -6.80 -3.17
N VAL A 58 1.68 -6.35 -2.41
CA VAL A 58 1.03 -7.20 -1.42
C VAL A 58 0.26 -8.34 -2.09
N GLY A 59 -0.34 -8.05 -3.24
CA GLY A 59 -1.09 -9.06 -3.96
C GLY A 59 -0.20 -10.12 -4.55
N ASN A 60 0.92 -9.71 -5.12
CA ASN A 60 1.87 -10.65 -5.73
C ASN A 60 2.38 -11.65 -4.69
N GLN A 61 2.77 -11.15 -3.53
CA GLN A 61 3.28 -12.00 -2.46
C GLN A 61 2.18 -12.91 -1.92
N LEU A 62 0.97 -12.39 -1.83
CA LEU A 62 -0.17 -13.15 -1.33
C LEU A 62 -0.63 -14.18 -2.37
N GLY A 63 -0.32 -13.91 -3.63
CA GLY A 63 -0.71 -14.82 -4.70
C GLY A 63 -2.22 -14.86 -4.90
N LEU A 64 -2.70 -14.19 -5.94
CA LEU A 64 -4.12 -14.16 -6.24
C LEU A 64 -4.36 -14.21 -7.75
N ASP A 65 -5.63 -14.25 -8.14
CA ASP A 65 -5.99 -14.29 -9.55
C ASP A 65 -5.78 -12.93 -10.22
N ALA A 66 -5.71 -12.94 -11.54
CA ALA A 66 -5.52 -11.71 -12.30
C ALA A 66 -6.70 -10.77 -12.13
N ASN A 67 -7.91 -11.31 -12.26
CA ASN A 67 -9.12 -10.51 -12.12
C ASN A 67 -9.27 -10.01 -10.69
N ALA A 68 -9.01 -10.88 -9.73
CA ALA A 68 -9.11 -10.52 -8.31
C ALA A 68 -8.10 -9.43 -7.95
N MET A 69 -6.89 -9.54 -8.51
CA MET A 69 -5.85 -8.57 -8.24
C MET A 69 -6.26 -7.17 -8.71
N ASN A 70 -6.95 -7.11 -9.85
CA ASN A 70 -7.40 -5.84 -10.39
C ASN A 70 -8.41 -5.17 -9.46
N SER A 71 -9.38 -5.95 -8.98
CA SER A 71 -10.40 -5.43 -8.08
C SER A 71 -9.79 -5.06 -6.74
N LEU A 72 -9.00 -5.97 -6.19
CA LEU A 72 -8.35 -5.73 -4.89
C LEU A 72 -7.50 -4.46 -4.93
N LEU A 73 -6.70 -4.32 -5.97
CA LEU A 73 -5.84 -3.16 -6.13
C LEU A 73 -6.67 -1.90 -6.39
N GLY A 74 -7.88 -2.09 -6.89
CA GLY A 74 -8.75 -0.97 -7.18
C GLY A 74 -9.44 -0.44 -5.94
N ALA A 75 -9.32 -1.17 -4.84
CA ALA A 75 -9.93 -0.77 -3.57
C ALA A 75 -9.31 0.51 -3.04
N VAL A 76 -7.98 0.53 -2.96
CA VAL A 76 -7.26 1.69 -2.47
C VAL A 76 -7.39 2.87 -3.43
N SER A 77 -7.40 2.57 -4.72
CA SER A 77 -7.51 3.60 -5.75
C SER A 77 -8.75 4.47 -5.50
N GLY A 78 -9.83 3.84 -5.07
CA GLY A 78 -11.06 4.58 -4.80
C GLY A 78 -11.05 5.25 -3.44
N TYR A 79 -10.32 4.65 -2.49
CA TYR A 79 -10.25 5.20 -1.14
C TYR A 79 -9.40 6.47 -1.13
N VAL A 80 -8.23 6.40 -1.74
CA VAL A 80 -7.33 7.54 -1.80
C VAL A 80 -8.00 8.74 -2.46
N SER A 81 -8.82 8.47 -3.47
CA SER A 81 -9.53 9.52 -4.18
C SER A 81 -10.26 10.44 -3.21
N THR A 82 -10.94 9.84 -2.24
CA THR A 82 -11.69 10.61 -1.25
C THR A 82 -10.79 11.05 -0.10
N LEU A 83 -9.63 10.41 0.01
CA LEU A 83 -8.68 10.74 1.07
C LEU A 83 -7.92 12.03 0.75
N GLY A 84 -8.66 13.12 0.57
CA GLY A 84 -8.04 14.39 0.27
C GLY A 84 -7.75 15.22 1.51
N ASN A 85 -8.17 14.70 2.66
CA ASN A 85 -7.95 15.40 3.93
C ASN A 85 -6.47 15.69 4.14
N ALA A 86 -5.64 14.67 3.98
CA ALA A 86 -4.19 14.82 4.15
C ALA A 86 -3.47 13.50 3.90
N ILE A 87 -2.57 13.49 2.92
CA ILE A 87 -1.82 12.29 2.59
C ILE A 87 -0.58 12.17 3.48
N SER A 88 -0.08 13.31 3.96
CA SER A 88 1.10 13.33 4.81
C SER A 88 0.89 12.45 6.05
N ASP A 89 -0.37 12.23 6.40
CA ASP A 89 -0.72 11.42 7.56
C ASP A 89 -0.63 9.94 7.23
N ALA A 90 0.42 9.28 7.70
CA ALA A 90 0.62 7.86 7.45
C ALA A 90 -0.50 7.03 8.10
N SER A 91 -0.92 7.44 9.29
CA SER A 91 -1.97 6.75 10.01
C SER A 91 -3.28 6.77 9.23
N ALA A 92 -3.68 7.96 8.79
CA ALA A 92 -4.91 8.11 8.03
C ALA A 92 -4.77 7.52 6.63
N TYR A 93 -3.68 7.87 5.96
CA TYR A 93 -3.43 7.38 4.61
C TYR A 93 -3.39 5.86 4.58
N ALA A 94 -2.63 5.28 5.50
CA ALA A 94 -2.52 3.83 5.58
C ALA A 94 -3.82 3.19 6.06
N ASN A 95 -4.56 3.92 6.88
CA ASN A 95 -5.83 3.43 7.41
C ASN A 95 -6.82 3.20 6.29
N ALA A 96 -6.81 4.08 5.29
CA ALA A 96 -7.71 3.96 4.15
C ALA A 96 -7.33 2.79 3.26
N ILE A 97 -6.07 2.76 2.83
CA ILE A 97 -5.58 1.69 1.98
C ILE A 97 -5.66 0.34 2.68
N SER A 98 -5.47 0.36 4.00
CA SER A 98 -5.52 -0.86 4.79
C SER A 98 -6.93 -1.44 4.80
N SER A 99 -7.93 -0.57 4.88
CA SER A 99 -9.32 -1.00 4.92
C SER A 99 -9.75 -1.53 3.56
N ALA A 100 -9.22 -0.94 2.49
CA ALA A 100 -9.55 -1.36 1.14
C ALA A 100 -8.99 -2.74 0.84
N ILE A 101 -7.68 -2.90 1.01
CA ILE A 101 -7.02 -4.17 0.75
C ILE A 101 -7.42 -5.21 1.80
N GLY A 102 -7.52 -4.76 3.05
CA GLY A 102 -7.90 -5.67 4.12
C GLY A 102 -9.30 -6.22 3.96
N ASN A 103 -10.23 -5.35 3.56
CA ASN A 103 -11.62 -5.77 3.36
C ASN A 103 -11.72 -6.85 2.31
N VAL A 104 -10.92 -6.73 1.25
CA VAL A 104 -10.93 -7.70 0.17
C VAL A 104 -10.32 -9.03 0.63
N LEU A 105 -9.18 -8.96 1.29
CA LEU A 105 -8.51 -10.15 1.79
C LEU A 105 -9.39 -10.91 2.78
N ALA A 106 -10.14 -10.16 3.57
CA ALA A 106 -11.03 -10.76 4.56
C ALA A 106 -12.04 -11.69 3.89
N ASN A 107 -12.53 -11.29 2.72
CA ASN A 107 -13.50 -12.08 1.99
C ASN A 107 -12.84 -13.32 1.38
N SER A 108 -11.55 -13.21 1.11
CA SER A 108 -10.80 -14.32 0.52
C SER A 108 -10.45 -15.37 1.58
N GLY A 109 -10.59 -14.98 2.85
CA GLY A 109 -10.27 -15.89 3.93
C GLY A 109 -9.55 -15.20 5.06
N SER A 110 -8.66 -15.93 5.73
CA SER A 110 -7.90 -15.39 6.85
C SER A 110 -6.47 -15.05 6.42
N ILE A 111 -5.95 -13.94 6.93
CA ILE A 111 -4.60 -13.51 6.59
C ILE A 111 -3.70 -13.52 7.84
N SER A 112 -4.32 -13.37 9.01
CA SER A 112 -3.58 -13.36 10.26
C SER A 112 -3.34 -14.79 10.76
N GLU A 113 -2.84 -14.90 11.99
CA GLU A 113 -2.58 -16.21 12.59
C GLU A 113 -1.36 -16.85 11.93
N SER A 114 -1.52 -17.26 10.68
CA SER A 114 -0.44 -17.91 9.93
C SER A 114 0.45 -16.87 9.25
N THR A 115 1.76 -17.05 9.36
CA THR A 115 2.72 -16.13 8.76
C THR A 115 2.36 -14.68 9.09
N ALA A 116 1.61 -14.05 8.21
CA ALA A 116 1.20 -12.66 8.40
C ALA A 116 2.39 -11.72 8.27
N SER A 117 3.21 -11.67 9.32
CA SER A 117 4.39 -10.80 9.32
C SER A 117 5.24 -11.03 8.08
N SER A 118 5.26 -12.28 7.60
CA SER A 118 6.04 -12.63 6.42
C SER A 118 5.42 -12.02 5.17
N ALA A 119 4.10 -11.96 5.12
CA ALA A 119 3.39 -11.40 3.98
C ALA A 119 3.70 -9.92 3.82
N ALA A 120 3.51 -9.16 4.90
CA ALA A 120 3.76 -7.73 4.88
C ALA A 120 5.25 -7.44 4.68
N SER A 121 6.09 -8.24 5.33
CA SER A 121 7.53 -8.07 5.23
C SER A 121 8.01 -8.26 3.80
N SER A 122 7.36 -9.17 3.08
CA SER A 122 7.72 -9.46 1.70
C SER A 122 7.32 -8.30 0.78
N ALA A 123 6.04 -7.94 0.83
CA ALA A 123 5.53 -6.84 0.01
C ALA A 123 6.23 -5.52 0.36
N ALA A 124 6.34 -5.26 1.65
CA ALA A 124 6.99 -4.03 2.12
C ALA A 124 8.46 -4.00 1.73
N SER A 125 9.06 -5.17 1.63
CA SER A 125 10.48 -5.28 1.28
C SER A 125 10.70 -4.85 -0.18
N SER A 126 9.73 -5.16 -1.04
CA SER A 126 9.82 -4.81 -2.44
C SER A 126 9.70 -3.30 -2.65
N VAL A 127 8.72 -2.70 -1.97
CA VAL A 127 8.50 -1.27 -2.07
C VAL A 127 9.62 -0.49 -1.40
N THR A 128 10.06 -0.97 -0.24
CA THR A 128 11.14 -0.31 0.49
C THR A 128 12.35 -0.07 -0.39
N THR A 129 12.80 -1.13 -1.07
CA THR A 129 13.94 -1.04 -1.95
C THR A 129 13.62 -0.25 -3.21
N THR A 130 12.42 -0.45 -3.73
CA THR A 130 11.98 0.24 -4.94
C THR A 130 11.61 1.68 -4.63
N LEU A 131 12.60 2.48 -4.26
CA LEU A 131 12.38 3.89 -3.94
C LEU A 131 13.69 4.60 -3.66
N THR A 132 14.63 3.88 -3.04
CA THR A 132 15.93 4.45 -2.71
C THR A 132 16.98 4.02 -3.72
N SER A 133 16.98 2.73 -4.05
CA SER A 133 17.94 2.19 -5.01
C SER A 133 17.57 2.57 -6.43
N TYR A 134 16.33 2.31 -6.81
CA TYR A 134 15.85 2.63 -8.14
C TYR A 134 15.51 4.10 -8.27
N GLY A 135 15.25 4.75 -7.12
CA GLY A 135 14.92 6.15 -7.12
C GLY A 135 13.49 6.41 -6.68
N PRO A 136 13.20 7.67 -6.33
CA PRO A 136 11.86 8.08 -5.89
C PRO A 136 10.84 8.04 -7.00
N ALA A 137 11.27 8.41 -8.21
CA ALA A 137 10.38 8.41 -9.37
C ALA A 137 10.00 6.99 -9.78
N VAL A 138 10.70 6.01 -9.20
CA VAL A 138 10.43 4.61 -9.50
C VAL A 138 9.00 4.23 -9.15
N PHE A 139 8.42 4.94 -8.19
CA PHE A 139 7.06 4.68 -7.75
C PHE A 139 6.05 5.34 -8.70
N TYR A 140 6.56 6.20 -9.58
CA TYR A 140 5.70 6.88 -10.54
C TYR A 140 5.37 5.99 -11.73
N ALA A 141 6.27 5.05 -12.02
CA ALA A 141 6.08 4.13 -13.14
C ALA A 141 5.78 4.88 -14.42
N GLY A 17 -7.13 -8.64 10.93
CA GLY A 17 -6.02 -8.75 9.99
C GLY A 17 -5.65 -7.40 9.40
N ASN A 18 -6.61 -6.48 9.38
CA ASN A 18 -6.38 -5.14 8.83
C ASN A 18 -5.30 -4.41 9.61
N ALA A 19 -5.25 -4.66 10.92
CA ALA A 19 -4.27 -4.02 11.78
C ALA A 19 -2.84 -4.39 11.36
N PHE A 20 -2.69 -5.60 10.82
CA PHE A 20 -1.39 -6.07 10.38
C PHE A 20 -0.88 -5.25 9.20
N ALA A 21 -1.72 -5.12 8.18
CA ALA A 21 -1.36 -4.36 6.99
C ALA A 21 -1.33 -2.86 7.28
N GLN A 22 -2.23 -2.42 8.15
CA GLN A 22 -2.30 -1.01 8.52
C GLN A 22 -1.12 -0.61 9.40
N SER A 23 -0.64 -1.54 10.21
CA SER A 23 0.48 -1.28 11.09
C SER A 23 1.76 -1.03 10.30
N LEU A 24 2.03 -1.91 9.34
CA LEU A 24 3.22 -1.80 8.50
C LEU A 24 3.06 -0.66 7.50
N SER A 25 1.85 -0.53 6.95
CA SER A 25 1.57 0.52 5.97
C SER A 25 1.73 1.90 6.59
N SER A 26 1.33 2.03 7.86
CA SER A 26 1.43 3.30 8.56
C SER A 26 2.86 3.83 8.52
N ASN A 27 3.81 2.98 8.92
CA ASN A 27 5.22 3.37 8.93
C ASN A 27 5.80 3.37 7.52
N LEU A 28 5.40 2.38 6.72
CA LEU A 28 5.88 2.26 5.35
C LEU A 28 5.52 3.50 4.54
N LEU A 29 4.31 4.00 4.74
CA LEU A 29 3.84 5.19 4.03
C LEU A 29 4.51 6.45 4.56
N SER A 30 4.79 6.46 5.87
CA SER A 30 5.43 7.61 6.50
C SER A 30 6.95 7.49 6.42
N SER A 31 7.42 6.50 5.67
CA SER A 31 8.85 6.27 5.51
C SER A 31 9.57 7.58 5.19
N GLY A 32 10.75 7.77 5.81
CA GLY A 32 11.52 8.97 5.59
C GLY A 32 11.83 9.20 4.12
N ASP A 33 11.75 8.15 3.33
CA ASP A 33 12.02 8.23 1.90
C ASP A 33 10.74 8.25 1.09
N PHE A 34 9.75 7.48 1.55
CA PHE A 34 8.47 7.39 0.86
C PHE A 34 7.70 8.71 0.99
N VAL A 35 7.76 9.30 2.19
CA VAL A 35 7.07 10.56 2.44
C VAL A 35 7.47 11.63 1.43
N GLN A 36 8.73 11.61 1.03
CA GLN A 36 9.24 12.58 0.06
C GLN A 36 8.56 12.40 -1.29
N MET A 37 8.33 11.15 -1.67
CA MET A 37 7.69 10.85 -2.95
C MET A 37 6.20 11.23 -2.91
N ILE A 38 5.53 10.81 -1.86
CA ILE A 38 4.11 11.12 -1.70
C ILE A 38 3.87 12.62 -1.57
N SER A 39 4.84 13.31 -0.96
CA SER A 39 4.74 14.75 -0.77
C SER A 39 5.09 15.49 -2.05
N SER A 40 5.89 14.86 -2.91
CA SER A 40 6.29 15.47 -4.17
C SER A 40 5.31 15.10 -5.28
N THR A 41 4.28 14.35 -4.93
CA THR A 41 3.27 13.93 -5.89
C THR A 41 2.72 15.13 -6.67
N THR A 42 2.71 16.29 -6.03
CA THR A 42 2.22 17.50 -6.67
C THR A 42 0.70 17.47 -6.80
N SER A 43 0.19 16.59 -7.66
CA SER A 43 -1.24 16.46 -7.88
C SER A 43 -1.84 15.39 -6.98
N THR A 44 -2.86 15.77 -6.23
CA THR A 44 -3.53 14.84 -5.32
C THR A 44 -3.98 13.58 -6.05
N ASP A 45 -4.29 13.72 -7.33
CA ASP A 45 -4.72 12.59 -8.14
C ASP A 45 -3.64 11.53 -8.22
N GLN A 46 -2.39 11.98 -8.31
CA GLN A 46 -1.25 11.06 -8.40
C GLN A 46 -1.12 10.22 -7.13
N ALA A 47 -1.81 10.65 -6.08
CA ALA A 47 -1.78 9.93 -4.80
C ALA A 47 -2.32 8.52 -4.96
N VAL A 48 -3.26 8.34 -5.88
CA VAL A 48 -3.86 7.03 -6.11
C VAL A 48 -2.86 6.09 -6.79
N SER A 49 -1.99 6.66 -7.63
CA SER A 49 -0.98 5.87 -8.33
C SER A 49 0.03 5.29 -7.36
N VAL A 50 0.55 6.12 -6.47
CA VAL A 50 1.53 5.69 -5.48
C VAL A 50 0.91 4.71 -4.48
N ALA A 51 -0.35 4.97 -4.11
CA ALA A 51 -1.04 4.11 -3.16
C ALA A 51 -1.28 2.72 -3.74
N THR A 52 -1.68 2.68 -5.00
CA THR A 52 -1.94 1.42 -5.68
C THR A 52 -0.63 0.73 -6.08
N SER A 53 0.41 1.54 -6.28
CA SER A 53 1.72 1.01 -6.67
C SER A 53 2.21 -0.04 -5.67
N VAL A 54 2.11 0.30 -4.38
CA VAL A 54 2.54 -0.60 -3.32
C VAL A 54 1.61 -1.80 -3.21
N ALA A 55 0.34 -1.58 -3.49
CA ALA A 55 -0.65 -2.66 -3.44
C ALA A 55 -0.39 -3.71 -4.51
N GLN A 56 0.09 -3.26 -5.66
CA GLN A 56 0.37 -4.16 -6.78
C GLN A 56 1.51 -5.11 -6.42
N ASN A 57 2.51 -4.60 -5.71
CA ASN A 57 3.66 -5.40 -5.31
C ASN A 57 3.25 -6.48 -4.32
N VAL A 58 2.50 -6.09 -3.29
CA VAL A 58 2.03 -7.02 -2.28
C VAL A 58 1.04 -8.02 -2.86
N GLY A 59 0.19 -7.54 -3.77
CA GLY A 59 -0.79 -8.39 -4.40
C GLY A 59 -0.18 -9.41 -5.33
N ASN A 60 0.78 -8.97 -6.14
CA ASN A 60 1.45 -9.86 -7.08
C ASN A 60 2.16 -10.99 -6.35
N GLN A 61 2.73 -10.68 -5.19
CA GLN A 61 3.44 -11.68 -4.39
C GLN A 61 2.51 -12.81 -3.99
N LEU A 62 1.24 -12.48 -3.78
CA LEU A 62 0.24 -13.47 -3.37
C LEU A 62 -0.41 -14.11 -4.60
N GLY A 63 -0.40 -13.39 -5.71
CA GLY A 63 -0.99 -13.89 -6.94
C GLY A 63 -2.41 -14.38 -6.73
N LEU A 64 -3.38 -13.48 -6.87
CA LEU A 64 -4.78 -13.82 -6.69
C LEU A 64 -5.59 -13.44 -7.93
N ASP A 65 -5.32 -14.09 -9.04
CA ASP A 65 -6.02 -13.82 -10.29
C ASP A 65 -5.69 -12.43 -10.80
N ALA A 66 -5.33 -12.35 -12.08
CA ALA A 66 -4.99 -11.08 -12.70
C ALA A 66 -6.19 -10.13 -12.72
N ASN A 67 -7.35 -10.65 -13.14
CA ASN A 67 -8.56 -9.84 -13.21
C ASN A 67 -9.03 -9.47 -11.81
N ALA A 68 -8.98 -10.42 -10.89
CA ALA A 68 -9.41 -10.18 -9.52
C ALA A 68 -8.47 -9.20 -8.82
N MET A 69 -7.18 -9.32 -9.10
CA MET A 69 -6.18 -8.43 -8.51
C MET A 69 -6.52 -6.96 -8.78
N ASN A 70 -6.93 -6.68 -10.01
CA ASN A 70 -7.28 -5.32 -10.40
C ASN A 70 -8.42 -4.78 -9.54
N SER A 71 -9.37 -5.65 -9.20
CA SER A 71 -10.51 -5.26 -8.39
C SER A 71 -10.08 -4.98 -6.95
N LEU A 72 -9.29 -5.90 -6.39
CA LEU A 72 -8.81 -5.75 -5.02
C LEU A 72 -8.02 -4.45 -4.86
N LEU A 73 -7.10 -4.20 -5.80
CA LEU A 73 -6.28 -2.99 -5.76
C LEU A 73 -7.13 -1.75 -6.01
N GLY A 74 -8.28 -1.94 -6.65
CA GLY A 74 -9.16 -0.83 -6.93
C GLY A 74 -9.87 -0.32 -5.70
N ALA A 75 -9.68 -1.01 -4.58
CA ALA A 75 -10.31 -0.61 -3.33
C ALA A 75 -9.71 0.69 -2.80
N VAL A 76 -8.38 0.73 -2.71
CA VAL A 76 -7.69 1.91 -2.23
C VAL A 76 -7.85 3.08 -3.19
N SER A 77 -7.87 2.78 -4.48
CA SER A 77 -8.01 3.81 -5.51
C SER A 77 -9.24 4.67 -5.24
N GLY A 78 -10.31 4.04 -4.77
CA GLY A 78 -11.53 4.77 -4.47
C GLY A 78 -11.59 5.25 -3.04
N TYR A 79 -10.91 4.54 -2.15
CA TYR A 79 -10.88 4.90 -0.73
C TYR A 79 -10.08 6.18 -0.52
N VAL A 80 -9.03 6.36 -1.31
CA VAL A 80 -8.17 7.53 -1.20
C VAL A 80 -8.98 8.81 -1.39
N SER A 81 -9.96 8.76 -2.28
CA SER A 81 -10.81 9.92 -2.56
C SER A 81 -11.37 10.51 -1.27
N THR A 82 -11.63 9.64 -0.29
CA THR A 82 -12.18 10.07 0.99
C THR A 82 -11.17 10.91 1.76
N LEU A 83 -9.89 10.59 1.60
CA LEU A 83 -8.82 11.32 2.28
C LEU A 83 -7.68 11.64 1.32
N GLY A 84 -7.99 12.40 0.27
CA GLY A 84 -6.98 12.77 -0.71
C GLY A 84 -6.24 14.03 -0.32
N ASN A 85 -6.96 14.97 0.30
CA ASN A 85 -6.36 16.24 0.71
C ASN A 85 -5.45 16.05 1.92
N ALA A 86 -5.56 14.89 2.55
CA ALA A 86 -4.75 14.57 3.72
C ALA A 86 -3.97 13.28 3.53
N ILE A 87 -2.89 13.37 2.75
CA ILE A 87 -2.05 12.20 2.49
C ILE A 87 -0.86 12.15 3.43
N SER A 88 -0.45 13.32 3.92
CA SER A 88 0.68 13.41 4.83
C SER A 88 0.47 12.52 6.06
N ASP A 89 -0.79 12.22 6.36
CA ASP A 89 -1.13 11.39 7.50
C ASP A 89 -0.95 9.91 7.16
N ALA A 90 0.14 9.33 7.65
CA ALA A 90 0.43 7.92 7.40
C ALA A 90 -0.61 7.02 8.05
N SER A 91 -1.06 7.40 9.25
CA SER A 91 -2.05 6.63 9.97
C SER A 91 -3.35 6.51 9.18
N ALA A 92 -3.86 7.65 8.72
CA ALA A 92 -5.08 7.69 7.95
C ALA A 92 -4.87 7.11 6.54
N TYR A 93 -3.79 7.53 5.90
CA TYR A 93 -3.48 7.06 4.56
C TYR A 93 -3.32 5.54 4.53
N ALA A 94 -2.55 5.02 5.49
CA ALA A 94 -2.32 3.59 5.58
C ALA A 94 -3.58 2.86 6.01
N ASN A 95 -4.33 3.46 6.93
CA ASN A 95 -5.57 2.87 7.42
C ASN A 95 -6.58 2.69 6.29
N ALA A 96 -6.59 3.64 5.36
CA ALA A 96 -7.50 3.60 4.23
C ALA A 96 -7.12 2.48 3.26
N ILE A 97 -5.87 2.49 2.81
CA ILE A 97 -5.38 1.48 1.89
C ILE A 97 -5.39 0.10 2.52
N SER A 98 -5.02 0.03 3.79
CA SER A 98 -4.99 -1.23 4.52
C SER A 98 -6.41 -1.79 4.70
N SER A 99 -7.36 -0.90 4.94
CA SER A 99 -8.75 -1.29 5.12
C SER A 99 -9.37 -1.75 3.81
N ALA A 100 -8.97 -1.12 2.72
CA ALA A 100 -9.48 -1.46 1.40
C ALA A 100 -9.00 -2.83 0.97
N ILE A 101 -7.68 -3.01 0.93
CA ILE A 101 -7.09 -4.29 0.52
C ILE A 101 -7.33 -5.36 1.58
N GLY A 102 -7.24 -4.97 2.85
CA GLY A 102 -7.46 -5.91 3.93
C GLY A 102 -8.88 -6.42 3.99
N ASN A 103 -9.83 -5.59 3.56
CA ASN A 103 -11.23 -5.97 3.55
C ASN A 103 -11.47 -7.18 2.66
N VAL A 104 -10.97 -7.12 1.42
CA VAL A 104 -11.13 -8.21 0.48
C VAL A 104 -10.29 -9.41 0.88
N LEU A 105 -9.10 -9.14 1.43
CA LEU A 105 -8.21 -10.21 1.87
C LEU A 105 -8.88 -11.09 2.92
N ALA A 106 -9.70 -10.48 3.77
CA ALA A 106 -10.41 -11.20 4.81
C ALA A 106 -11.24 -12.34 4.22
N ASN A 107 -11.81 -12.11 3.04
CA ASN A 107 -12.63 -13.11 2.38
C ASN A 107 -11.79 -14.33 1.99
N SER A 108 -10.51 -14.10 1.71
CA SER A 108 -9.62 -15.17 1.32
C SER A 108 -8.68 -15.54 2.46
N GLY A 109 -8.92 -14.95 3.63
CA GLY A 109 -8.10 -15.22 4.79
C GLY A 109 -7.25 -14.03 5.19
N SER A 110 -7.22 -13.74 6.49
CA SER A 110 -6.44 -12.62 7.00
C SER A 110 -5.07 -13.09 7.49
N ILE A 111 -4.10 -12.18 7.46
CA ILE A 111 -2.75 -12.50 7.90
C ILE A 111 -2.60 -12.31 9.41
N SER A 112 -3.33 -13.13 10.17
CA SER A 112 -3.29 -13.06 11.62
C SER A 112 -3.86 -14.33 12.25
N GLU A 113 -3.77 -15.43 11.51
CA GLU A 113 -4.29 -16.71 11.99
C GLU A 113 -3.22 -17.79 11.91
N SER A 114 -2.41 -17.75 10.85
CA SER A 114 -1.35 -18.73 10.64
C SER A 114 0.02 -18.09 10.89
N THR A 115 0.16 -16.83 10.49
CA THR A 115 1.42 -16.12 10.66
C THR A 115 1.23 -14.62 10.44
N ALA A 116 1.29 -13.86 11.54
CA ALA A 116 1.12 -12.41 11.47
C ALA A 116 2.43 -11.73 11.13
N SER A 117 2.35 -10.63 10.39
CA SER A 117 3.53 -9.88 9.99
C SER A 117 4.42 -10.71 9.07
N SER A 118 3.86 -11.79 8.54
CA SER A 118 4.59 -12.68 7.65
C SER A 118 4.79 -12.03 6.29
N ALA A 119 3.69 -11.53 5.71
CA ALA A 119 3.75 -10.88 4.41
C ALA A 119 4.33 -9.48 4.52
N ALA A 120 4.34 -8.93 5.73
CA ALA A 120 4.87 -7.59 5.97
C ALA A 120 6.32 -7.49 5.51
N SER A 121 7.08 -8.55 5.74
CA SER A 121 8.49 -8.57 5.35
C SER A 121 8.64 -8.33 3.86
N SER A 122 7.89 -9.09 3.06
CA SER A 122 7.95 -8.95 1.61
C SER A 122 7.29 -7.65 1.16
N ALA A 123 6.16 -7.31 1.77
CA ALA A 123 5.45 -6.09 1.44
C ALA A 123 6.32 -4.85 1.66
N ALA A 124 6.99 -4.81 2.80
CA ALA A 124 7.86 -3.68 3.13
C ALA A 124 9.12 -3.70 2.28
N SER A 125 9.59 -4.91 1.94
CA SER A 125 10.79 -5.06 1.14
C SER A 125 10.57 -4.53 -0.27
N SER A 126 9.43 -4.90 -0.86
CA SER A 126 9.09 -4.47 -2.22
C SER A 126 9.09 -2.94 -2.32
N VAL A 127 8.46 -2.30 -1.34
CA VAL A 127 8.38 -0.84 -1.32
C VAL A 127 9.74 -0.22 -1.01
N THR A 128 10.37 -0.72 0.05
CA THR A 128 11.68 -0.22 0.46
C THR A 128 12.69 -0.32 -0.67
N THR A 129 12.63 -1.43 -1.42
CA THR A 129 13.54 -1.65 -2.53
C THR A 129 13.23 -0.73 -3.70
N THR A 130 11.95 -0.65 -4.05
CA THR A 130 11.51 0.20 -5.15
C THR A 130 11.48 1.66 -4.74
N LEU A 131 11.85 1.93 -3.49
CA LEU A 131 11.87 3.30 -2.98
C LEU A 131 13.28 3.89 -3.04
N THR A 132 14.28 3.05 -2.83
CA THR A 132 15.67 3.49 -2.88
C THR A 132 16.51 2.58 -3.76
N SER A 133 16.34 1.26 -3.59
CA SER A 133 17.09 0.29 -4.37
C SER A 133 16.83 0.48 -5.86
N TYR A 134 15.66 1.05 -6.18
CA TYR A 134 15.30 1.27 -7.57
C TYR A 134 15.43 2.75 -7.93
N GLY A 135 15.32 3.61 -6.92
CA GLY A 135 15.43 5.04 -7.15
C GLY A 135 14.44 5.84 -6.32
N PRO A 136 14.75 7.13 -6.10
CA PRO A 136 13.88 8.03 -5.32
C PRO A 136 12.58 8.34 -6.03
N ALA A 137 12.59 9.41 -6.84
CA ALA A 137 11.41 9.82 -7.59
C ALA A 137 11.15 8.89 -8.77
N VAL A 138 12.07 7.96 -9.00
CA VAL A 138 11.95 7.02 -10.10
C VAL A 138 10.62 6.29 -10.06
N PHE A 139 9.99 6.27 -8.88
CA PHE A 139 8.71 5.62 -8.71
C PHE A 139 7.65 6.22 -9.63
N TYR A 140 7.89 7.45 -10.06
CA TYR A 140 6.96 8.15 -10.94
C TYR A 140 7.56 8.33 -12.34
N ALA A 141 8.68 9.05 -12.40
CA ALA A 141 9.35 9.29 -13.67
C ALA A 141 10.86 9.41 -13.47
N GLY A 17 -5.98 -9.53 10.16
CA GLY A 17 -5.24 -9.22 8.94
C GLY A 17 -5.30 -7.74 8.58
N ASN A 18 -6.35 -7.07 9.05
CA ASN A 18 -6.52 -5.65 8.77
C ASN A 18 -5.41 -4.83 9.43
N ALA A 19 -5.19 -5.08 10.72
CA ALA A 19 -4.17 -4.36 11.47
C ALA A 19 -2.77 -4.72 10.96
N PHE A 20 -2.64 -5.92 10.41
CA PHE A 20 -1.36 -6.38 9.89
C PHE A 20 -0.90 -5.52 8.71
N ALA A 21 -1.78 -5.34 7.74
CA ALA A 21 -1.47 -4.54 6.57
C ALA A 21 -1.42 -3.05 6.92
N GLN A 22 -2.33 -2.62 7.79
CA GLN A 22 -2.38 -1.23 8.20
C GLN A 22 -1.14 -0.85 8.99
N SER A 23 -0.70 -1.73 9.87
CA SER A 23 0.48 -1.49 10.70
C SER A 23 1.72 -1.35 9.83
N LEU A 24 1.87 -2.26 8.88
CA LEU A 24 3.02 -2.24 7.98
C LEU A 24 2.94 -1.07 7.01
N SER A 25 1.78 -0.91 6.38
CA SER A 25 1.57 0.17 5.43
C SER A 25 1.72 1.53 6.10
N SER A 26 1.27 1.62 7.34
CA SER A 26 1.35 2.87 8.10
C SER A 26 2.79 3.35 8.18
N ASN A 27 3.70 2.46 8.57
CA ASN A 27 5.10 2.79 8.70
C ASN A 27 5.76 2.93 7.33
N LEU A 28 5.31 2.10 6.39
CA LEU A 28 5.85 2.10 5.03
C LEU A 28 5.53 3.43 4.34
N LEU A 29 4.30 3.91 4.52
CA LEU A 29 3.86 5.16 3.91
C LEU A 29 4.50 6.35 4.62
N SER A 30 4.65 6.25 5.94
CA SER A 30 5.25 7.32 6.72
C SER A 30 6.77 7.19 6.76
N SER A 31 7.30 6.25 5.97
CA SER A 31 8.73 6.02 5.91
C SER A 31 9.48 7.31 5.57
N GLY A 32 10.66 7.48 6.17
CA GLY A 32 11.45 8.67 5.91
C GLY A 32 11.76 8.85 4.44
N ASP A 33 11.65 7.77 3.67
CA ASP A 33 11.93 7.82 2.24
C ASP A 33 10.63 7.86 1.44
N PHE A 34 9.62 7.13 1.91
CA PHE A 34 8.33 7.08 1.23
C PHE A 34 7.61 8.42 1.35
N VAL A 35 7.67 9.02 2.54
CA VAL A 35 7.03 10.30 2.79
C VAL A 35 7.48 11.35 1.77
N GLN A 36 8.75 11.29 1.40
CA GLN A 36 9.30 12.23 0.43
C GLN A 36 8.67 12.05 -0.94
N MET A 37 8.31 10.81 -1.26
CA MET A 37 7.68 10.51 -2.54
C MET A 37 6.27 11.09 -2.61
N ILE A 38 5.44 10.74 -1.64
CA ILE A 38 4.07 11.23 -1.60
C ILE A 38 4.03 12.74 -1.45
N SER A 39 5.04 13.29 -0.79
CA SER A 39 5.13 14.73 -0.58
C SER A 39 5.58 15.45 -1.85
N SER A 40 6.30 14.73 -2.70
CA SER A 40 6.81 15.28 -3.95
C SER A 40 5.67 15.50 -4.94
N THR A 41 4.62 14.69 -4.81
CA THR A 41 3.47 14.78 -5.71
C THR A 41 2.95 16.22 -5.77
N THR A 42 3.22 16.89 -6.88
CA THR A 42 2.78 18.27 -7.07
C THR A 42 1.29 18.41 -6.81
N SER A 43 0.55 17.33 -7.06
CA SER A 43 -0.90 17.32 -6.86
C SER A 43 -1.36 16.00 -6.27
N THR A 44 -2.35 16.06 -5.38
CA THR A 44 -2.89 14.86 -4.74
C THR A 44 -3.33 13.84 -5.78
N ASP A 45 -3.75 14.33 -6.95
CA ASP A 45 -4.19 13.45 -8.02
C ASP A 45 -3.12 12.42 -8.36
N GLN A 46 -1.88 12.87 -8.45
CA GLN A 46 -0.76 11.98 -8.78
C GLN A 46 -0.60 10.90 -7.71
N ALA A 47 -1.08 11.19 -6.51
CA ALA A 47 -1.00 10.25 -5.40
C ALA A 47 -1.81 8.99 -5.69
N VAL A 48 -2.90 9.15 -6.43
CA VAL A 48 -3.77 8.03 -6.78
C VAL A 48 -3.02 7.01 -7.62
N SER A 49 -2.13 7.49 -8.48
CA SER A 49 -1.36 6.61 -9.34
C SER A 49 -0.37 5.77 -8.53
N VAL A 50 0.38 6.44 -7.67
CA VAL A 50 1.36 5.76 -6.83
C VAL A 50 0.68 4.87 -5.80
N ALA A 51 -0.45 5.34 -5.27
CA ALA A 51 -1.20 4.58 -4.28
C ALA A 51 -1.50 3.17 -4.78
N THR A 52 -1.82 3.07 -6.07
CA THR A 52 -2.14 1.78 -6.68
C THR A 52 -0.90 0.93 -6.86
N SER A 53 0.24 1.60 -7.03
CA SER A 53 1.51 0.90 -7.23
C SER A 53 1.84 0.03 -6.02
N VAL A 54 1.71 0.59 -4.82
CA VAL A 54 1.98 -0.12 -3.59
C VAL A 54 0.93 -1.20 -3.33
N ALA A 55 -0.31 -0.91 -3.70
CA ALA A 55 -1.41 -1.85 -3.52
C ALA A 55 -1.20 -3.10 -4.36
N GLN A 56 -0.64 -2.93 -5.55
CA GLN A 56 -0.39 -4.05 -6.45
C GLN A 56 0.72 -4.94 -5.90
N ASN A 57 1.75 -4.32 -5.35
CA ASN A 57 2.88 -5.06 -4.80
C ASN A 57 2.44 -5.93 -3.64
N VAL A 58 1.69 -5.35 -2.71
CA VAL A 58 1.20 -6.08 -1.54
C VAL A 58 0.21 -7.16 -1.94
N GLY A 59 -0.60 -6.86 -2.96
CA GLY A 59 -1.59 -7.83 -3.43
C GLY A 59 -0.95 -9.02 -4.12
N ASN A 60 0.04 -8.75 -4.97
CA ASN A 60 0.73 -9.81 -5.69
C ASN A 60 1.53 -10.70 -4.74
N GLN A 61 2.15 -10.07 -3.75
CA GLN A 61 2.95 -10.80 -2.77
C GLN A 61 2.09 -11.80 -2.00
N LEU A 62 0.81 -11.46 -1.84
CA LEU A 62 -0.12 -12.33 -1.12
C LEU A 62 -0.78 -13.32 -2.07
N GLY A 63 -0.82 -12.97 -3.35
CA GLY A 63 -1.42 -13.85 -4.34
C GLY A 63 -2.72 -13.29 -4.88
N LEU A 64 -3.84 -13.78 -4.34
CA LEU A 64 -5.16 -13.33 -4.78
C LEU A 64 -5.40 -13.70 -6.24
N ASP A 65 -6.64 -13.50 -6.69
CA ASP A 65 -7.00 -13.80 -8.07
C ASP A 65 -6.82 -12.58 -8.96
N ALA A 66 -6.79 -12.80 -10.28
CA ALA A 66 -6.62 -11.72 -11.23
C ALA A 66 -7.75 -10.70 -11.10
N ASN A 67 -8.98 -11.19 -11.04
CA ASN A 67 -10.15 -10.31 -10.91
C ASN A 67 -10.17 -9.63 -9.55
N ALA A 68 -9.80 -10.39 -8.51
CA ALA A 68 -9.78 -9.86 -7.15
C ALA A 68 -8.74 -8.75 -7.00
N MET A 69 -7.58 -8.96 -7.62
CA MET A 69 -6.51 -7.97 -7.56
C MET A 69 -6.96 -6.63 -8.13
N ASN A 70 -7.61 -6.67 -9.28
CA ASN A 70 -8.09 -5.45 -9.94
C ASN A 70 -9.10 -4.73 -9.05
N SER A 71 -9.95 -5.50 -8.38
CA SER A 71 -10.97 -4.94 -7.50
C SER A 71 -10.32 -4.32 -6.26
N LEU A 72 -9.28 -4.97 -5.75
CA LEU A 72 -8.58 -4.49 -4.57
C LEU A 72 -7.84 -3.19 -4.86
N LEU A 73 -7.12 -3.16 -5.98
CA LEU A 73 -6.38 -1.97 -6.38
C LEU A 73 -7.32 -0.83 -6.76
N GLY A 74 -8.53 -1.19 -7.16
CA GLY A 74 -9.51 -0.18 -7.54
C GLY A 74 -10.17 0.48 -6.33
N ALA A 75 -10.07 -0.17 -5.18
CA ALA A 75 -10.65 0.37 -3.95
C ALA A 75 -9.86 1.58 -3.46
N VAL A 76 -8.55 1.42 -3.36
CA VAL A 76 -7.69 2.51 -2.90
C VAL A 76 -7.66 3.65 -3.90
N SER A 77 -7.67 3.30 -5.19
CA SER A 77 -7.65 4.30 -6.26
C SER A 77 -8.80 5.29 -6.11
N GLY A 78 -9.97 4.77 -5.70
CA GLY A 78 -11.13 5.62 -5.53
C GLY A 78 -11.29 6.09 -4.10
N TYR A 79 -10.71 5.35 -3.16
CA TYR A 79 -10.80 5.71 -1.75
C TYR A 79 -9.96 6.95 -1.45
N VAL A 80 -8.91 7.14 -2.23
CA VAL A 80 -8.02 8.29 -2.04
C VAL A 80 -8.79 9.61 -2.17
N SER A 81 -9.76 9.63 -3.09
CA SER A 81 -10.57 10.82 -3.31
C SER A 81 -11.24 11.28 -2.01
N THR A 82 -11.78 10.32 -1.27
CA THR A 82 -12.44 10.61 -0.01
C THR A 82 -11.44 10.69 1.15
N LEU A 83 -10.29 10.06 0.96
CA LEU A 83 -9.26 10.05 1.98
C LEU A 83 -8.94 11.48 2.45
N GLY A 84 -8.97 12.42 1.51
CA GLY A 84 -8.69 13.81 1.85
C GLY A 84 -7.38 14.29 1.25
N ASN A 85 -7.16 15.60 1.29
CA ASN A 85 -5.94 16.19 0.75
C ASN A 85 -4.75 15.90 1.66
N ALA A 86 -5.03 15.63 2.94
CA ALA A 86 -3.99 15.33 3.91
C ALA A 86 -3.44 13.92 3.71
N ILE A 87 -2.39 13.81 2.89
CA ILE A 87 -1.77 12.51 2.63
C ILE A 87 -0.59 12.27 3.56
N SER A 88 -0.08 13.33 4.15
CA SER A 88 1.06 13.23 5.07
C SER A 88 0.79 12.18 6.14
N ASP A 89 -0.48 11.99 6.48
CA ASP A 89 -0.87 11.02 7.49
C ASP A 89 -0.92 9.61 6.91
N ALA A 90 0.08 8.81 7.23
CA ALA A 90 0.16 7.44 6.75
C ALA A 90 -1.01 6.61 7.27
N SER A 91 -1.36 6.81 8.53
CA SER A 91 -2.46 6.09 9.15
C SER A 91 -3.77 6.34 8.40
N ALA A 92 -3.91 7.54 7.86
CA ALA A 92 -5.12 7.90 7.12
C ALA A 92 -5.26 7.05 5.86
N TYR A 93 -4.25 7.08 5.02
CA TYR A 93 -4.27 6.30 3.77
C TYR A 93 -4.20 4.81 4.06
N ALA A 94 -3.26 4.41 4.91
CA ALA A 94 -3.09 3.01 5.26
C ALA A 94 -4.39 2.44 5.83
N ASN A 95 -5.19 3.30 6.43
CA ASN A 95 -6.46 2.87 7.03
C ASN A 95 -7.43 2.40 5.95
N ALA A 96 -7.46 3.11 4.83
CA ALA A 96 -8.34 2.77 3.72
C ALA A 96 -7.89 1.47 3.04
N ILE A 97 -6.63 1.44 2.64
CA ILE A 97 -6.07 0.27 1.97
C ILE A 97 -6.12 -0.96 2.89
N SER A 98 -6.00 -0.72 4.19
CA SER A 98 -6.04 -1.80 5.17
C SER A 98 -7.35 -2.57 5.09
N SER A 99 -8.45 -1.84 4.92
CA SER A 99 -9.77 -2.44 4.83
C SER A 99 -9.92 -3.23 3.54
N ALA A 100 -9.29 -2.75 2.47
CA ALA A 100 -9.35 -3.42 1.18
C ALA A 100 -8.61 -4.75 1.21
N ILE A 101 -7.35 -4.70 1.62
CA ILE A 101 -6.53 -5.90 1.69
C ILE A 101 -7.02 -6.83 2.80
N GLY A 102 -7.37 -6.25 3.94
CA GLY A 102 -7.86 -7.05 5.05
C GLY A 102 -9.12 -7.80 4.72
N ASN A 103 -9.94 -7.24 3.83
CA ASN A 103 -11.19 -7.88 3.43
C ASN A 103 -10.91 -9.15 2.63
N VAL A 104 -10.05 -9.05 1.63
CA VAL A 104 -9.70 -10.19 0.80
C VAL A 104 -8.85 -11.19 1.56
N LEU A 105 -7.97 -10.68 2.43
CA LEU A 105 -7.10 -11.53 3.22
C LEU A 105 -7.91 -12.42 4.17
N ALA A 106 -8.90 -11.83 4.83
CA ALA A 106 -9.76 -12.57 5.75
C ALA A 106 -10.61 -13.59 5.00
N ASN A 107 -11.20 -13.16 3.89
CA ASN A 107 -12.05 -14.05 3.09
C ASN A 107 -11.24 -15.23 2.56
N SER A 108 -9.92 -15.05 2.47
CA SER A 108 -9.05 -16.11 1.98
C SER A 108 -8.24 -16.73 3.10
N GLY A 109 -8.56 -16.33 4.34
CA GLY A 109 -7.87 -16.85 5.49
C GLY A 109 -6.35 -16.68 5.39
N SER A 110 -5.91 -15.43 5.40
CA SER A 110 -4.49 -15.12 5.30
C SER A 110 -3.96 -14.55 6.62
N ILE A 111 -2.67 -14.74 6.85
CA ILE A 111 -2.04 -14.24 8.08
C ILE A 111 -3.02 -14.26 9.24
N SER A 112 -3.68 -15.39 9.43
CA SER A 112 -4.64 -15.54 10.51
C SER A 112 -4.03 -15.14 11.85
N GLU A 113 -2.90 -15.76 12.19
CA GLU A 113 -2.21 -15.46 13.43
C GLU A 113 -0.79 -16.02 13.42
N SER A 114 -0.65 -17.25 12.92
CA SER A 114 0.66 -17.90 12.85
C SER A 114 1.66 -17.02 12.11
N THR A 115 1.19 -16.33 11.07
CA THR A 115 2.04 -15.45 10.29
C THR A 115 1.52 -14.03 10.28
N ALA A 116 2.42 -13.07 10.49
CA ALA A 116 2.04 -11.66 10.52
C ALA A 116 3.27 -10.77 10.67
N SER A 117 4.20 -10.88 9.74
CA SER A 117 5.42 -10.09 9.77
C SER A 117 6.31 -10.39 8.57
N SER A 118 6.30 -11.65 8.15
CA SER A 118 7.10 -12.08 7.01
C SER A 118 6.64 -11.41 5.72
N ALA A 119 5.33 -11.46 5.48
CA ALA A 119 4.75 -10.85 4.28
C ALA A 119 4.84 -9.33 4.35
N ALA A 120 4.67 -8.78 5.56
CA ALA A 120 4.72 -7.34 5.75
C ALA A 120 6.13 -6.80 5.48
N SER A 121 7.13 -7.47 6.04
CA SER A 121 8.53 -7.07 5.86
C SER A 121 9.00 -7.39 4.45
N SER A 122 8.53 -8.50 3.91
CA SER A 122 8.93 -8.93 2.58
C SER A 122 8.40 -7.96 1.52
N ALA A 123 7.08 -7.74 1.53
CA ALA A 123 6.45 -6.84 0.58
C ALA A 123 7.02 -5.42 0.71
N ALA A 124 7.21 -4.98 1.95
CA ALA A 124 7.74 -3.64 2.20
C ALA A 124 9.22 -3.56 1.82
N SER A 125 9.91 -4.70 1.92
CA SER A 125 11.33 -4.76 1.60
C SER A 125 11.57 -4.49 0.12
N SER A 126 10.65 -4.97 -0.72
CA SER A 126 10.75 -4.79 -2.15
C SER A 126 10.61 -3.31 -2.53
N VAL A 127 9.59 -2.67 -1.97
CA VAL A 127 9.34 -1.25 -2.24
C VAL A 127 10.40 -0.37 -1.58
N THR A 128 10.76 -0.72 -0.36
CA THR A 128 11.76 0.04 0.39
C THR A 128 13.12 -0.02 -0.31
N THR A 129 13.51 -1.21 -0.76
CA THR A 129 14.77 -1.39 -1.44
C THR A 129 14.88 -0.51 -2.68
N THR A 130 13.73 -0.29 -3.33
CA THR A 130 13.69 0.54 -4.53
C THR A 130 13.86 2.01 -4.19
N LEU A 131 13.04 2.49 -3.26
CA LEU A 131 13.10 3.89 -2.84
C LEU A 131 14.52 4.29 -2.47
N THR A 132 15.26 3.36 -1.89
CA THR A 132 16.64 3.61 -1.49
C THR A 132 17.60 3.30 -2.62
N SER A 133 17.26 2.33 -3.45
CA SER A 133 18.09 1.94 -4.57
C SER A 133 18.38 3.12 -5.49
N TYR A 134 17.31 3.74 -5.98
CA TYR A 134 17.44 4.89 -6.87
C TYR A 134 16.13 5.15 -7.62
N GLY A 135 15.27 4.15 -7.64
CA GLY A 135 13.99 4.29 -8.32
C GLY A 135 12.82 4.40 -7.36
N PRO A 136 12.65 5.58 -6.75
CA PRO A 136 11.57 5.83 -5.79
C PRO A 136 10.21 5.88 -6.46
N ALA A 137 9.86 7.03 -7.02
CA ALA A 137 8.58 7.19 -7.69
C ALA A 137 8.62 6.63 -9.11
N VAL A 138 9.81 6.22 -9.53
CA VAL A 138 9.99 5.66 -10.88
C VAL A 138 9.06 4.48 -11.10
N PHE A 139 8.56 3.90 -10.01
CA PHE A 139 7.66 2.76 -10.10
C PHE A 139 6.41 3.11 -10.88
N TYR A 140 6.08 4.40 -10.93
CA TYR A 140 4.91 4.87 -11.65
C TYR A 140 5.30 5.56 -12.94
N ALA A 141 6.53 6.04 -13.00
CA ALA A 141 7.04 6.72 -14.19
C ALA A 141 6.79 5.89 -15.44
N GLY A 17 -6.58 -8.63 11.94
CA GLY A 17 -5.64 -8.67 10.84
C GLY A 17 -5.47 -7.31 10.17
N ASN A 18 -6.51 -6.48 10.25
CA ASN A 18 -6.48 -5.16 9.64
C ASN A 18 -5.41 -4.29 10.31
N ALA A 19 -5.33 -4.36 11.64
CA ALA A 19 -4.35 -3.58 12.38
C ALA A 19 -2.92 -3.96 11.97
N PHE A 20 -2.73 -5.21 11.59
CA PHE A 20 -1.42 -5.69 11.17
C PHE A 20 -0.98 -5.00 9.89
N ALA A 21 -1.83 -5.02 8.87
CA ALA A 21 -1.52 -4.40 7.60
C ALA A 21 -1.54 -2.87 7.70
N GLN A 22 -2.43 -2.36 8.54
CA GLN A 22 -2.55 -0.92 8.74
C GLN A 22 -1.33 -0.37 9.47
N SER A 23 -0.88 -1.08 10.50
CA SER A 23 0.27 -0.66 11.28
C SER A 23 1.53 -0.65 10.41
N LEU A 24 1.71 -1.69 9.62
CA LEU A 24 2.87 -1.80 8.74
C LEU A 24 2.78 -0.81 7.60
N SER A 25 1.62 -0.76 6.95
CA SER A 25 1.40 0.15 5.83
C SER A 25 1.52 1.60 6.27
N SER A 26 1.02 1.90 7.46
CA SER A 26 1.08 3.25 8.00
C SER A 26 2.53 3.72 8.16
N ASN A 27 3.33 2.89 8.83
CA ASN A 27 4.73 3.21 9.05
C ASN A 27 5.51 3.15 7.74
N LEU A 28 5.33 2.08 6.99
CA LEU A 28 6.02 1.90 5.71
C LEU A 28 5.69 3.06 4.76
N LEU A 29 4.45 3.51 4.79
CA LEU A 29 4.01 4.61 3.94
C LEU A 29 4.59 5.93 4.42
N SER A 30 4.83 6.04 5.72
CA SER A 30 5.37 7.25 6.31
C SER A 30 6.89 7.14 6.50
N SER A 31 7.46 6.07 5.96
CA SER A 31 8.89 5.84 6.07
C SER A 31 9.68 7.10 5.72
N GLY A 32 10.86 7.24 6.30
CA GLY A 32 11.69 8.40 6.03
C GLY A 32 11.95 8.60 4.56
N ASP A 33 11.82 7.54 3.78
CA ASP A 33 12.05 7.60 2.34
C ASP A 33 10.73 7.65 1.58
N PHE A 34 9.71 7.02 2.15
CA PHE A 34 8.39 7.00 1.52
C PHE A 34 7.74 8.39 1.54
N VAL A 35 7.80 9.05 2.69
CA VAL A 35 7.23 10.38 2.85
C VAL A 35 7.78 11.33 1.78
N GLN A 36 9.05 11.15 1.43
CA GLN A 36 9.69 12.00 0.43
C GLN A 36 9.01 11.84 -0.93
N MET A 37 8.59 10.62 -1.24
CA MET A 37 7.93 10.34 -2.51
C MET A 37 6.53 10.94 -2.54
N ILE A 38 5.74 10.63 -1.51
CA ILE A 38 4.38 11.15 -1.41
C ILE A 38 4.37 12.67 -1.29
N SER A 39 5.40 13.21 -0.63
CA SER A 39 5.51 14.65 -0.44
C SER A 39 5.63 15.37 -1.78
N SER A 40 6.43 14.80 -2.68
CA SER A 40 6.64 15.38 -4.00
C SER A 40 5.39 15.24 -4.86
N THR A 41 4.56 14.25 -4.53
CA THR A 41 3.33 14.00 -5.28
C THR A 41 2.19 14.87 -4.76
N THR A 42 2.43 16.18 -4.71
CA THR A 42 1.42 17.11 -4.23
C THR A 42 0.11 16.95 -5.00
N SER A 43 0.21 16.47 -6.24
CA SER A 43 -0.96 16.27 -7.07
C SER A 43 -1.66 14.97 -6.71
N THR A 44 -2.84 15.08 -6.10
CA THR A 44 -3.61 13.91 -5.71
C THR A 44 -3.84 12.97 -6.89
N ASP A 45 -3.91 13.54 -8.09
CA ASP A 45 -4.12 12.76 -9.30
C ASP A 45 -3.05 11.68 -9.44
N GLN A 46 -1.80 12.08 -9.28
CA GLN A 46 -0.68 11.14 -9.40
C GLN A 46 -0.63 10.20 -8.19
N ALA A 47 -1.33 10.59 -7.13
CA ALA A 47 -1.37 9.79 -5.91
C ALA A 47 -1.95 8.40 -6.18
N VAL A 48 -2.87 8.32 -7.14
CA VAL A 48 -3.50 7.06 -7.48
C VAL A 48 -2.48 6.08 -8.05
N SER A 49 -1.50 6.61 -8.78
CA SER A 49 -0.47 5.78 -9.38
C SER A 49 0.43 5.17 -8.31
N VAL A 50 0.91 6.00 -7.40
CA VAL A 50 1.77 5.54 -6.31
C VAL A 50 1.02 4.64 -5.34
N ALA A 51 -0.24 4.98 -5.09
CA ALA A 51 -1.08 4.21 -4.17
C ALA A 51 -1.22 2.77 -4.66
N THR A 52 -1.35 2.61 -5.97
CA THR A 52 -1.50 1.29 -6.57
C THR A 52 -0.17 0.54 -6.59
N SER A 53 0.92 1.29 -6.62
CA SER A 53 2.26 0.69 -6.65
C SER A 53 2.47 -0.23 -5.45
N VAL A 54 2.13 0.27 -4.27
CA VAL A 54 2.27 -0.51 -3.04
C VAL A 54 1.27 -1.65 -2.98
N ALA A 55 0.08 -1.41 -3.55
CA ALA A 55 -0.97 -2.42 -3.57
C ALA A 55 -0.57 -3.62 -4.43
N GLN A 56 0.07 -3.33 -5.56
CA GLN A 56 0.50 -4.39 -6.47
C GLN A 56 1.48 -5.34 -5.78
N ASN A 57 2.36 -4.77 -4.96
CA ASN A 57 3.35 -5.57 -4.25
C ASN A 57 2.68 -6.54 -3.28
N VAL A 58 1.70 -6.04 -2.54
CA VAL A 58 0.98 -6.85 -1.57
C VAL A 58 0.16 -7.93 -2.28
N GLY A 59 -0.56 -7.54 -3.32
CA GLY A 59 -1.38 -8.48 -4.07
C GLY A 59 -0.54 -9.52 -4.81
N ASN A 60 0.64 -9.10 -5.26
CA ASN A 60 1.54 -9.99 -5.98
C ASN A 60 2.07 -11.09 -5.07
N GLN A 61 2.50 -10.71 -3.88
CA GLN A 61 3.03 -11.66 -2.91
C GLN A 61 1.91 -12.55 -2.35
N LEU A 62 0.78 -11.93 -2.06
CA LEU A 62 -0.36 -12.67 -1.52
C LEU A 62 -1.01 -13.55 -2.60
N GLY A 63 -0.81 -13.16 -3.86
CA GLY A 63 -1.37 -13.93 -4.95
C GLY A 63 -2.86 -14.17 -4.79
N LEU A 64 -3.66 -13.16 -5.13
CA LEU A 64 -5.10 -13.26 -5.01
C LEU A 64 -5.77 -13.01 -6.36
N ASP A 65 -5.28 -13.68 -7.39
CA ASP A 65 -5.84 -13.54 -8.73
C ASP A 65 -5.58 -12.14 -9.28
N ALA A 66 -5.18 -12.07 -10.54
CA ALA A 66 -4.90 -10.79 -11.19
C ALA A 66 -6.15 -9.92 -11.27
N ASN A 67 -7.30 -10.57 -11.44
CA ASN A 67 -8.57 -9.86 -11.53
C ASN A 67 -8.86 -9.09 -10.25
N ALA A 68 -8.61 -9.73 -9.11
CA ALA A 68 -8.84 -9.10 -7.82
C ALA A 68 -7.89 -7.94 -7.60
N MET A 69 -6.63 -8.11 -8.02
CA MET A 69 -5.63 -7.07 -7.87
C MET A 69 -6.07 -5.77 -8.53
N ASN A 70 -6.73 -5.90 -9.68
CA ASN A 70 -7.22 -4.74 -10.42
C ASN A 70 -8.19 -3.92 -9.57
N SER A 71 -9.10 -4.60 -8.90
CA SER A 71 -10.09 -3.93 -8.06
C SER A 71 -9.43 -3.34 -6.82
N LEU A 72 -8.43 -4.05 -6.29
CA LEU A 72 -7.71 -3.59 -5.11
C LEU A 72 -6.90 -2.33 -5.41
N LEU A 73 -6.17 -2.35 -6.52
CA LEU A 73 -5.35 -1.22 -6.92
C LEU A 73 -6.22 0.02 -7.15
N GLY A 74 -7.38 -0.17 -7.76
CA GLY A 74 -8.28 0.94 -8.01
C GLY A 74 -9.03 1.37 -6.77
N ALA A 75 -8.94 0.58 -5.72
CA ALA A 75 -9.62 0.88 -4.46
C ALA A 75 -8.97 2.07 -3.76
N VAL A 76 -7.65 2.01 -3.61
CA VAL A 76 -6.92 3.09 -2.95
C VAL A 76 -6.92 4.36 -3.80
N SER A 77 -6.87 4.18 -5.12
CA SER A 77 -6.87 5.31 -6.04
C SER A 77 -8.05 6.23 -5.78
N GLY A 78 -9.19 5.63 -5.45
CA GLY A 78 -10.38 6.41 -5.17
C GLY A 78 -10.55 6.73 -3.71
N TYR A 79 -9.91 5.94 -2.85
CA TYR A 79 -9.99 6.14 -1.41
C TYR A 79 -9.20 7.37 -1.00
N VAL A 80 -8.17 7.70 -1.76
CA VAL A 80 -7.34 8.86 -1.48
C VAL A 80 -8.14 10.15 -1.60
N SER A 81 -9.07 10.19 -2.55
CA SER A 81 -9.90 11.36 -2.76
C SER A 81 -10.89 11.53 -1.62
N THR A 82 -11.42 10.42 -1.12
CA THR A 82 -12.38 10.45 -0.02
C THR A 82 -11.68 10.49 1.33
N LEU A 83 -10.39 10.17 1.34
CA LEU A 83 -9.62 10.18 2.57
C LEU A 83 -9.75 11.51 3.30
N GLY A 84 -9.80 12.59 2.54
CA GLY A 84 -9.93 13.91 3.13
C GLY A 84 -8.64 14.42 3.72
N ASN A 85 -8.06 13.64 4.63
CA ASN A 85 -6.81 14.02 5.27
C ASN A 85 -5.65 13.97 4.28
N ALA A 86 -5.92 13.43 3.09
CA ALA A 86 -4.90 13.33 2.06
C ALA A 86 -3.99 12.12 2.30
N ILE A 87 -2.90 12.06 1.54
CA ILE A 87 -1.95 10.96 1.68
C ILE A 87 -0.94 11.24 2.78
N SER A 88 -0.80 12.51 3.14
CA SER A 88 0.14 12.91 4.18
C SER A 88 -0.06 12.08 5.45
N ASP A 89 -1.31 11.72 5.70
CA ASP A 89 -1.64 10.92 6.89
C ASP A 89 -1.38 9.44 6.63
N ALA A 90 -0.31 8.94 7.21
CA ALA A 90 0.07 7.53 7.05
C ALA A 90 -0.99 6.62 7.66
N SER A 91 -1.35 6.89 8.91
CA SER A 91 -2.33 6.08 9.62
C SER A 91 -3.70 6.16 8.92
N ALA A 92 -3.99 7.32 8.36
CA ALA A 92 -5.26 7.53 7.64
C ALA A 92 -5.28 6.76 6.33
N TYR A 93 -4.29 7.01 5.48
CA TYR A 93 -4.20 6.34 4.19
C TYR A 93 -4.04 4.84 4.37
N ALA A 94 -3.09 4.44 5.21
CA ALA A 94 -2.84 3.03 5.47
C ALA A 94 -4.08 2.34 5.99
N ASN A 95 -4.87 3.05 6.79
CA ASN A 95 -6.10 2.51 7.35
C ASN A 95 -7.08 2.14 6.25
N ALA A 96 -7.16 2.98 5.23
CA ALA A 96 -8.06 2.75 4.10
C ALA A 96 -7.62 1.56 3.28
N ILE A 97 -6.37 1.59 2.83
CA ILE A 97 -5.81 0.51 2.02
C ILE A 97 -5.77 -0.80 2.80
N SER A 98 -5.56 -0.70 4.11
CA SER A 98 -5.50 -1.86 4.98
C SER A 98 -6.80 -2.66 4.91
N SER A 99 -7.91 -1.95 4.80
CA SER A 99 -9.23 -2.58 4.74
C SER A 99 -9.42 -3.28 3.40
N ALA A 100 -8.91 -2.66 2.34
CA ALA A 100 -9.03 -3.22 0.99
C ALA A 100 -8.19 -4.49 0.85
N ILE A 101 -6.89 -4.37 1.13
CA ILE A 101 -5.99 -5.51 1.04
C ILE A 101 -6.28 -6.54 2.13
N GLY A 102 -6.60 -6.06 3.32
CA GLY A 102 -6.91 -6.95 4.42
C GLY A 102 -8.16 -7.77 4.18
N ASN A 103 -9.12 -7.18 3.47
CA ASN A 103 -10.37 -7.87 3.17
C ASN A 103 -10.12 -9.05 2.23
N VAL A 104 -9.40 -8.80 1.15
CA VAL A 104 -9.09 -9.83 0.16
C VAL A 104 -8.14 -10.87 0.75
N LEU A 105 -7.20 -10.41 1.56
CA LEU A 105 -6.24 -11.30 2.19
C LEU A 105 -6.93 -12.42 2.96
N ALA A 106 -7.95 -12.06 3.73
CA ALA A 106 -8.71 -13.03 4.51
C ALA A 106 -9.47 -13.98 3.61
N ASN A 107 -10.13 -13.44 2.59
CA ASN A 107 -10.90 -14.24 1.65
C ASN A 107 -10.00 -15.24 0.91
N SER A 108 -8.74 -14.87 0.75
CA SER A 108 -7.78 -15.72 0.07
C SER A 108 -7.23 -16.79 1.01
N GLY A 109 -7.47 -16.61 2.31
CA GLY A 109 -6.99 -17.56 3.29
C GLY A 109 -5.57 -17.27 3.74
N SER A 110 -5.27 -16.00 3.97
CA SER A 110 -3.94 -15.59 4.39
C SER A 110 -4.00 -14.84 5.71
N ILE A 111 -2.91 -14.89 6.47
CA ILE A 111 -2.84 -14.22 7.76
C ILE A 111 -4.19 -14.27 8.49
N SER A 112 -4.83 -15.44 8.44
CA SER A 112 -6.12 -15.63 9.10
C SER A 112 -5.98 -15.49 10.60
N GLU A 113 -5.10 -16.31 11.19
CA GLU A 113 -4.88 -16.28 12.63
C GLU A 113 -3.78 -17.27 13.03
N SER A 114 -2.64 -17.16 12.36
CA SER A 114 -1.51 -18.04 12.64
C SER A 114 -0.19 -17.27 12.57
N THR A 115 -0.05 -16.45 11.53
CA THR A 115 1.16 -15.66 11.35
C THR A 115 0.84 -14.28 10.81
N ALA A 116 1.63 -13.29 11.21
CA ALA A 116 1.43 -11.91 10.76
C ALA A 116 2.72 -11.11 10.83
N SER A 117 3.65 -11.42 9.93
CA SER A 117 4.93 -10.74 9.88
C SER A 117 5.69 -11.09 8.60
N SER A 118 5.62 -12.35 8.20
CA SER A 118 6.30 -12.81 6.99
C SER A 118 5.67 -12.19 5.75
N ALA A 119 4.35 -12.05 5.76
CA ALA A 119 3.63 -11.48 4.64
C ALA A 119 3.96 -9.99 4.48
N ALA A 120 3.92 -9.27 5.59
CA ALA A 120 4.22 -7.85 5.58
C ALA A 120 5.61 -7.57 5.01
N SER A 121 6.58 -8.41 5.39
CA SER A 121 7.94 -8.25 4.92
C SER A 121 8.00 -8.30 3.39
N SER A 122 7.15 -9.12 2.79
CA SER A 122 7.10 -9.26 1.35
C SER A 122 6.65 -7.96 0.69
N ALA A 123 5.49 -7.48 1.12
CA ALA A 123 4.93 -6.25 0.57
C ALA A 123 5.87 -5.07 0.79
N ALA A 124 6.40 -4.97 2.02
CA ALA A 124 7.32 -3.88 2.36
C ALA A 124 8.64 -4.04 1.61
N SER A 125 9.01 -5.28 1.31
CA SER A 125 10.25 -5.55 0.61
C SER A 125 10.27 -4.85 -0.75
N SER A 126 9.12 -4.80 -1.39
CA SER A 126 9.00 -4.15 -2.70
C SER A 126 9.23 -2.66 -2.59
N VAL A 127 8.62 -2.03 -1.60
CA VAL A 127 8.76 -0.59 -1.39
C VAL A 127 10.17 -0.25 -0.91
N THR A 128 10.69 -1.05 0.01
CA THR A 128 12.03 -0.84 0.56
C THR A 128 13.06 -0.75 -0.56
N THR A 129 12.99 -1.70 -1.50
CA THR A 129 13.92 -1.74 -2.62
C THR A 129 13.66 -0.61 -3.59
N THR A 130 12.39 -0.39 -3.93
CA THR A 130 12.00 0.66 -4.86
C THR A 130 12.08 2.03 -4.20
N LEU A 131 12.02 3.08 -5.01
CA LEU A 131 12.08 4.45 -4.49
C LEU A 131 13.51 4.83 -4.15
N THR A 132 14.28 3.86 -3.67
CA THR A 132 15.67 4.10 -3.29
C THR A 132 16.62 3.52 -4.34
N SER A 133 16.26 2.37 -4.88
CA SER A 133 17.08 1.71 -5.89
C SER A 133 17.06 2.48 -7.20
N TYR A 134 15.86 2.78 -7.69
CA TYR A 134 15.71 3.51 -8.93
C TYR A 134 15.38 4.97 -8.66
N GLY A 135 14.83 5.25 -7.49
CA GLY A 135 14.48 6.60 -7.12
C GLY A 135 12.98 6.77 -6.93
N PRO A 136 12.60 7.89 -6.28
CA PRO A 136 11.18 8.19 -6.01
C PRO A 136 10.42 8.56 -7.28
N ALA A 137 10.99 9.46 -8.07
CA ALA A 137 10.36 9.89 -9.31
C ALA A 137 10.05 8.70 -10.21
N VAL A 138 10.81 7.63 -10.04
CA VAL A 138 10.61 6.42 -10.84
C VAL A 138 9.23 5.83 -10.61
N PHE A 139 8.66 6.10 -9.45
CA PHE A 139 7.33 5.60 -9.11
C PHE A 139 6.24 6.44 -9.76
N TYR A 140 6.55 7.71 -10.01
CA TYR A 140 5.61 8.62 -10.64
C TYR A 140 5.05 8.04 -11.93
N ALA A 141 5.95 7.50 -12.76
CA ALA A 141 5.55 6.90 -14.03
C ALA A 141 6.63 5.96 -14.55
#